data_9CSQ
# 
_entry.id   9CSQ 
# 
_audit_conform.dict_name       mmcif_pdbx.dic 
_audit_conform.dict_version    5.403 
_audit_conform.dict_location   http://mmcif.pdb.org/dictionaries/ascii/mmcif_pdbx.dic 
# 
loop_
_database_2.database_id 
_database_2.database_code 
_database_2.pdbx_database_accession 
_database_2.pdbx_DOI 
PDB   9CSQ         pdb_00009csq 10.2210/pdb9csq/pdb 
WWPDB D_1000285480 ?            ?                   
# 
loop_
_pdbx_audit_revision_history.ordinal 
_pdbx_audit_revision_history.data_content_type 
_pdbx_audit_revision_history.major_revision 
_pdbx_audit_revision_history.minor_revision 
_pdbx_audit_revision_history.revision_date 
_pdbx_audit_revision_history.part_number 
1 'Structure model' 1 0 2025-05-14 ? 
2 'Structure model' 1 1 2025-05-28 ? 
# 
_pdbx_audit_revision_details.ordinal             1 
_pdbx_audit_revision_details.revision_ordinal    1 
_pdbx_audit_revision_details.data_content_type   'Structure model' 
_pdbx_audit_revision_details.provider            repository 
_pdbx_audit_revision_details.type                'Initial release' 
_pdbx_audit_revision_details.description         ? 
_pdbx_audit_revision_details.details             ? 
# 
_pdbx_audit_revision_group.ordinal             1 
_pdbx_audit_revision_group.revision_ordinal    2 
_pdbx_audit_revision_group.data_content_type   'Structure model' 
_pdbx_audit_revision_group.group               'Database references' 
# 
loop_
_pdbx_audit_revision_category.ordinal 
_pdbx_audit_revision_category.revision_ordinal 
_pdbx_audit_revision_category.data_content_type 
_pdbx_audit_revision_category.category 
1 2 'Structure model' citation        
2 2 'Structure model' citation_author 
# 
loop_
_pdbx_audit_revision_item.ordinal 
_pdbx_audit_revision_item.revision_ordinal 
_pdbx_audit_revision_item.data_content_type 
_pdbx_audit_revision_item.item 
1  2 'Structure model' '_citation.country'                 
2  2 'Structure model' '_citation.journal_abbrev'          
3  2 'Structure model' '_citation.journal_id_ASTM'         
4  2 'Structure model' '_citation.journal_id_CSD'          
5  2 'Structure model' '_citation.journal_id_ISSN'         
6  2 'Structure model' '_citation.journal_volume'          
7  2 'Structure model' '_citation.page_first'              
8  2 'Structure model' '_citation.page_last'               
9  2 'Structure model' '_citation.pdbx_database_id_DOI'    
10 2 'Structure model' '_citation.pdbx_database_id_PubMed' 
11 2 'Structure model' '_citation.title'                   
12 2 'Structure model' '_citation.year'                    
# 
_pdbx_database_status.status_code                     REL 
_pdbx_database_status.status_code_sf                  REL 
_pdbx_database_status.status_code_mr                  ? 
_pdbx_database_status.entry_id                        9CSQ 
_pdbx_database_status.recvd_initial_deposition_date   2024-07-24 
_pdbx_database_status.SG_entry                        N 
_pdbx_database_status.deposit_site                    RCSB 
_pdbx_database_status.process_site                    RCSB 
_pdbx_database_status.status_code_cs                  ? 
_pdbx_database_status.status_code_nmr_data            ? 
_pdbx_database_status.methods_development_category    ? 
_pdbx_database_status.pdb_format_compatible           Y 
# 
_pdbx_contact_author.id                 2 
_pdbx_contact_author.email              jwszostak@uchicago.edu 
_pdbx_contact_author.name_first         Jack 
_pdbx_contact_author.name_last          Szostak 
_pdbx_contact_author.name_mi            W. 
_pdbx_contact_author.role               'principal investigator/group leader' 
_pdbx_contact_author.identifier_ORCID   0000-0003-4131-1203 
# 
loop_
_audit_author.name 
_audit_author.pdbx_ordinal 
_audit_author.identifier_ORCID 
'Fang, Z.'      1 0000-0001-8679-6633 
'Jia, X.'       2 0000-0001-9094-9882 
'Szostak, J.W.' 3 0000-0003-4131-1203 
# 
_citation.abstract                  ? 
_citation.abstract_id_CAS           ? 
_citation.book_id_ISBN              ? 
_citation.book_publisher            ? 
_citation.book_publisher_city       ? 
_citation.book_title                ? 
_citation.coordinate_linkage        ? 
_citation.country                   US 
_citation.database_id_Medline       ? 
_citation.details                   ? 
_citation.id                        primary 
_citation.journal_abbrev            Proc.Natl.Acad.Sci.USA 
_citation.journal_id_ASTM           PNASA6 
_citation.journal_id_CSD            0040 
_citation.journal_id_ISSN           1091-6490 
_citation.journal_full              ? 
_citation.journal_issue             ? 
_citation.journal_volume            122 
_citation.language                  ? 
_citation.page_first                e2505720122 
_citation.page_last                 e2505720122 
_citation.title                     'Nonenzymatic RNA copying with a potentially primordial genetic alphabet.' 
_citation.year                      2025 
_citation.database_id_CSD           ? 
_citation.pdbx_database_id_DOI      10.1073/pnas.2505720122 
_citation.pdbx_database_id_PubMed   40397670 
_citation.pdbx_database_id_patent   ? 
_citation.unpublished_flag          ? 
# 
loop_
_citation_author.citation_id 
_citation_author.name 
_citation_author.ordinal 
_citation_author.identifier_ORCID 
primary 'Fang, Z.'      1 0000-0001-8679-6633 
primary 'Jia, X.'       2 0000-0001-9094-9882 
primary 'Xing, Y.'      3 0000-0002-4549-8370 
primary 'Szostak, J.W.' 4 0000-0003-4131-1203 
# 
loop_
_entity.id 
_entity.type 
_entity.src_method 
_entity.pdbx_description 
_entity.formula_weight 
_entity.pdbx_number_of_molecules 
_entity.pdbx_ec 
_entity.pdbx_mutation 
_entity.pdbx_fragment 
_entity.details 
1 polymer syn 'RNA strand with s(2)C:I pair sequence 1' 5084.113 1  ? ? ? ? 
2 water   nat water                                     18.015   56 ? ? ? ? 
# 
_entity_poly.entity_id                      1 
_entity_poly.type                           polyribonucleotide 
_entity_poly.nstd_linkage                   no 
_entity_poly.nstd_monomer                   yes 
_entity_poly.pdbx_seq_one_letter_code       'AIAGAAGAUCUUCU(RSP)U' 
_entity_poly.pdbx_seq_one_letter_code_can   AIAGAAGAUCUUCUCU 
_entity_poly.pdbx_strand_id                 A 
_entity_poly.pdbx_target_identifier         ? 
# 
_pdbx_entity_nonpoly.entity_id   2 
_pdbx_entity_nonpoly.name        water 
_pdbx_entity_nonpoly.comp_id     HOH 
# 
loop_
_entity_poly_seq.entity_id 
_entity_poly_seq.num 
_entity_poly_seq.mon_id 
_entity_poly_seq.hetero 
1 1  A   n 
1 2  I   n 
1 3  A   n 
1 4  G   n 
1 5  A   n 
1 6  A   n 
1 7  G   n 
1 8  A   n 
1 9  U   n 
1 10 C   n 
1 11 U   n 
1 12 U   n 
1 13 C   n 
1 14 U   n 
1 15 RSP n 
1 16 U   n 
# 
_pdbx_entity_src_syn.entity_id              1 
_pdbx_entity_src_syn.pdbx_src_id            1 
_pdbx_entity_src_syn.pdbx_alt_source_flag   sample 
_pdbx_entity_src_syn.pdbx_beg_seq_num       1 
_pdbx_entity_src_syn.pdbx_end_seq_num       16 
_pdbx_entity_src_syn.organism_scientific    'synthetic construct' 
_pdbx_entity_src_syn.organism_common_name   ? 
_pdbx_entity_src_syn.ncbi_taxonomy_id       32630 
_pdbx_entity_src_syn.details                ? 
# 
loop_
_chem_comp.id 
_chem_comp.type 
_chem_comp.mon_nstd_flag 
_chem_comp.name 
_chem_comp.pdbx_synonyms 
_chem_comp.formula 
_chem_comp.formula_weight 
A   'RNA linking' y "ADENOSINE-5'-MONOPHOSPHATE"                                            ? 'C10 H14 N5 O7 P'  347.221 
C   'RNA linking' y "CYTIDINE-5'-MONOPHOSPHATE"                                             ? 'C9 H14 N3 O8 P'   323.197 
G   'RNA linking' y "GUANOSINE-5'-MONOPHOSPHATE"                                            ? 'C10 H14 N5 O8 P'  363.221 
HOH non-polymer   . WATER                                                                   ? 'H2 O'             18.015  
I   'RNA linking' y 'INOSINIC ACID'                                                         ? 'C10 H13 N4 O8 P'  348.206 
RSP 'RNA linking' n '4-amino-1-(5-O-phosphono-beta-D-ribofuranosyl)pyrimidine-2(1H)-thione' ? 'C9 H14 N3 O7 P S' 339.262 
U   'RNA linking' y "URIDINE-5'-MONOPHOSPHATE"                                              ? 'C9 H13 N2 O9 P'   324.181 
# 
loop_
_pdbx_poly_seq_scheme.asym_id 
_pdbx_poly_seq_scheme.entity_id 
_pdbx_poly_seq_scheme.seq_id 
_pdbx_poly_seq_scheme.mon_id 
_pdbx_poly_seq_scheme.ndb_seq_num 
_pdbx_poly_seq_scheme.pdb_seq_num 
_pdbx_poly_seq_scheme.auth_seq_num 
_pdbx_poly_seq_scheme.pdb_mon_id 
_pdbx_poly_seq_scheme.auth_mon_id 
_pdbx_poly_seq_scheme.pdb_strand_id 
_pdbx_poly_seq_scheme.pdb_ins_code 
_pdbx_poly_seq_scheme.hetero 
A 1 1  A   1  1  1  A   A   A . n 
A 1 2  I   2  2  2  I   I   A . n 
A 1 3  A   3  3  3  A   A   A . n 
A 1 4  G   4  4  4  G   G   A . n 
A 1 5  A   5  5  5  A   A   A . n 
A 1 6  A   6  6  6  A   A   A . n 
A 1 7  G   7  7  7  G   G   A . n 
A 1 8  A   8  8  8  A   A   A . n 
A 1 9  U   9  9  9  U   U   A . n 
A 1 10 C   10 10 10 C   C   A . n 
A 1 11 U   11 11 11 U   U   A . n 
A 1 12 U   12 12 12 U   U   A . n 
A 1 13 C   13 13 13 C   C   A . n 
A 1 14 U   14 14 14 U   U   A . n 
A 1 15 RSP 15 15 15 RSP RSP A . n 
A 1 16 U   16 16 16 U   U   A . n 
# 
_pdbx_entity_instance_feature.ordinal        1 
_pdbx_entity_instance_feature.comp_id        RSP 
_pdbx_entity_instance_feature.asym_id        ? 
_pdbx_entity_instance_feature.seq_num        ? 
_pdbx_entity_instance_feature.auth_comp_id   RSP 
_pdbx_entity_instance_feature.auth_asym_id   ? 
_pdbx_entity_instance_feature.auth_seq_num   ? 
_pdbx_entity_instance_feature.feature_type   'SUBJECT OF INVESTIGATION' 
_pdbx_entity_instance_feature.details        ? 
# 
loop_
_pdbx_nonpoly_scheme.asym_id 
_pdbx_nonpoly_scheme.entity_id 
_pdbx_nonpoly_scheme.mon_id 
_pdbx_nonpoly_scheme.ndb_seq_num 
_pdbx_nonpoly_scheme.pdb_seq_num 
_pdbx_nonpoly_scheme.auth_seq_num 
_pdbx_nonpoly_scheme.pdb_mon_id 
_pdbx_nonpoly_scheme.auth_mon_id 
_pdbx_nonpoly_scheme.pdb_strand_id 
_pdbx_nonpoly_scheme.pdb_ins_code 
B 2 HOH 1  101 25 HOH HOH A . 
B 2 HOH 2  102 39 HOH HOH A . 
B 2 HOH 3  103 14 HOH HOH A . 
B 2 HOH 4  104 12 HOH HOH A . 
B 2 HOH 5  105 44 HOH HOH A . 
B 2 HOH 6  106 32 HOH HOH A . 
B 2 HOH 7  107 6  HOH HOH A . 
B 2 HOH 8  108 48 HOH HOH A . 
B 2 HOH 9  109 3  HOH HOH A . 
B 2 HOH 10 110 9  HOH HOH A . 
B 2 HOH 11 111 1  HOH HOH A . 
B 2 HOH 12 112 19 HOH HOH A . 
B 2 HOH 13 113 37 HOH HOH A . 
B 2 HOH 14 114 21 HOH HOH A . 
B 2 HOH 15 115 45 HOH HOH A . 
B 2 HOH 16 116 41 HOH HOH A . 
B 2 HOH 17 117 24 HOH HOH A . 
B 2 HOH 18 118 30 HOH HOH A . 
B 2 HOH 19 119 28 HOH HOH A . 
B 2 HOH 20 120 46 HOH HOH A . 
B 2 HOH 21 121 7  HOH HOH A . 
B 2 HOH 22 122 43 HOH HOH A . 
B 2 HOH 23 123 51 HOH HOH A . 
B 2 HOH 24 124 36 HOH HOH A . 
B 2 HOH 25 125 40 HOH HOH A . 
B 2 HOH 26 126 8  HOH HOH A . 
B 2 HOH 27 127 23 HOH HOH A . 
B 2 HOH 28 128 26 HOH HOH A . 
B 2 HOH 29 129 16 HOH HOH A . 
B 2 HOH 30 130 38 HOH HOH A . 
B 2 HOH 31 131 22 HOH HOH A . 
B 2 HOH 32 132 50 HOH HOH A . 
B 2 HOH 33 133 4  HOH HOH A . 
B 2 HOH 34 134 17 HOH HOH A . 
B 2 HOH 35 135 15 HOH HOH A . 
B 2 HOH 36 136 11 HOH HOH A . 
B 2 HOH 37 137 2  HOH HOH A . 
B 2 HOH 38 138 27 HOH HOH A . 
B 2 HOH 39 139 33 HOH HOH A . 
B 2 HOH 40 140 29 HOH HOH A . 
B 2 HOH 41 141 20 HOH HOH A . 
B 2 HOH 42 142 35 HOH HOH A . 
B 2 HOH 43 143 31 HOH HOH A . 
B 2 HOH 44 144 10 HOH HOH A . 
B 2 HOH 45 145 13 HOH HOH A . 
B 2 HOH 46 146 5  HOH HOH A . 
B 2 HOH 47 147 54 HOH HOH A . 
B 2 HOH 48 148 42 HOH HOH A . 
B 2 HOH 49 149 55 HOH HOH A . 
B 2 HOH 50 150 34 HOH HOH A . 
B 2 HOH 51 151 18 HOH HOH A . 
B 2 HOH 52 152 56 HOH HOH A . 
B 2 HOH 53 153 47 HOH HOH A . 
B 2 HOH 54 154 52 HOH HOH A . 
B 2 HOH 55 155 53 HOH HOH A . 
B 2 HOH 56 156 49 HOH HOH A . 
# 
loop_
_software.citation_id 
_software.classification 
_software.compiler_name 
_software.compiler_version 
_software.contact_author 
_software.contact_author_email 
_software.date 
_software.description 
_software.dependencies 
_software.hardware 
_software.language 
_software.location 
_software.mods 
_software.name 
_software.os 
_software.os_version 
_software.type 
_software.version 
_software.pdbx_ordinal 
? refinement       ? ? ? ? ? ? ? ? ? ? ? REFMAC ? ? ? 5.8.0425 1 
? refinement       ? ? ? ? ? ? ? ? ? ? ? PHENIX ? ? ? 1.18.2   2 
? 'data reduction' ? ? ? ? ? ? ? ? ? ? ? XDS    ? ? ? .        3 
? 'data scaling'   ? ? ? ? ? ? ? ? ? ? ? XDS    ? ? ? .        4 
? phasing          ? ? ? ? ? ? ? ? ? ? ? PHASER ? ? ? .        5 
# 
_cell.angle_alpha                  90.000 
_cell.angle_alpha_esd              ? 
_cell.angle_beta                   90.000 
_cell.angle_beta_esd               ? 
_cell.angle_gamma                  120.000 
_cell.angle_gamma_esd              ? 
_cell.entry_id                     9CSQ 
_cell.details                      ? 
_cell.formula_units_Z              ? 
_cell.length_a                     43.405 
_cell.length_a_esd                 ? 
_cell.length_b                     43.405 
_cell.length_b_esd                 ? 
_cell.length_c                     123.136 
_cell.length_c_esd                 ? 
_cell.volume                       ? 
_cell.volume_esd                   ? 
_cell.Z_PDB                        18 
_cell.reciprocal_angle_alpha       ? 
_cell.reciprocal_angle_beta        ? 
_cell.reciprocal_angle_gamma       ? 
_cell.reciprocal_angle_alpha_esd   ? 
_cell.reciprocal_angle_beta_esd    ? 
_cell.reciprocal_angle_gamma_esd   ? 
_cell.reciprocal_length_a          ? 
_cell.reciprocal_length_b          ? 
_cell.reciprocal_length_c          ? 
_cell.reciprocal_length_a_esd      ? 
_cell.reciprocal_length_b_esd      ? 
_cell.reciprocal_length_c_esd      ? 
_cell.pdbx_unique_axis             ? 
_cell.pdbx_esd_method              ? 
# 
_symmetry.entry_id                         9CSQ 
_symmetry.cell_setting                     ? 
_symmetry.Int_Tables_number                155 
_symmetry.space_group_name_Hall            ? 
_symmetry.space_group_name_H-M             'H 3 2' 
_symmetry.pdbx_full_space_group_name_H-M   ? 
# 
_exptl.absorpt_coefficient_mu     ? 
_exptl.absorpt_correction_T_max   ? 
_exptl.absorpt_correction_T_min   ? 
_exptl.absorpt_correction_type    ? 
_exptl.absorpt_process_details    ? 
_exptl.entry_id                   9CSQ 
_exptl.crystals_number            1 
_exptl.details                    ? 
_exptl.method                     'X-RAY DIFFRACTION' 
_exptl.method_details             ? 
# 
_exptl_crystal.colour                       ? 
_exptl_crystal.density_diffrn               ? 
_exptl_crystal.density_Matthews             2.20 
_exptl_crystal.density_method               ? 
_exptl_crystal.density_percent_sol          43.97 
_exptl_crystal.description                  ? 
_exptl_crystal.F_000                        ? 
_exptl_crystal.id                           1 
_exptl_crystal.preparation                  ? 
_exptl_crystal.size_max                     ? 
_exptl_crystal.size_mid                     ? 
_exptl_crystal.size_min                     ? 
_exptl_crystal.size_rad                     ? 
_exptl_crystal.colour_lustre                ? 
_exptl_crystal.colour_modifier              ? 
_exptl_crystal.colour_primary               ? 
_exptl_crystal.density_meas                 ? 
_exptl_crystal.density_meas_esd             ? 
_exptl_crystal.density_meas_gt              ? 
_exptl_crystal.density_meas_lt              ? 
_exptl_crystal.density_meas_temp            ? 
_exptl_crystal.density_meas_temp_esd        ? 
_exptl_crystal.density_meas_temp_gt         ? 
_exptl_crystal.density_meas_temp_lt         ? 
_exptl_crystal.pdbx_crystal_image_url       ? 
_exptl_crystal.pdbx_crystal_image_format    ? 
_exptl_crystal.pdbx_mosaicity               ? 
_exptl_crystal.pdbx_mosaicity_esd           ? 
_exptl_crystal.pdbx_mosaic_method           ? 
_exptl_crystal.pdbx_mosaic_block_size       ? 
_exptl_crystal.pdbx_mosaic_block_size_esd   ? 
# 
_exptl_crystal_grow.apparatus       ? 
_exptl_crystal_grow.atmosphere      ? 
_exptl_crystal_grow.crystal_id      1 
_exptl_crystal_grow.details         ? 
_exptl_crystal_grow.method          'VAPOR DIFFUSION, SITTING DROP' 
_exptl_crystal_grow.method_ref      ? 
_exptl_crystal_grow.pH              6.5 
_exptl_crystal_grow.pressure        ? 
_exptl_crystal_grow.pressure_esd    ? 
_exptl_crystal_grow.seeding         ? 
_exptl_crystal_grow.seeding_ref     ? 
_exptl_crystal_grow.temp_details    ? 
_exptl_crystal_grow.temp_esd        ? 
_exptl_crystal_grow.time            ? 
_exptl_crystal_grow.pdbx_details    
'0.2 M Calcium acetate hydrate, 0.1 M Sodium cacodylate trihydrate pH 6.5, 18% w/v Polyethylene glycol 8,000' 
_exptl_crystal_grow.pdbx_pH_range   ? 
_exptl_crystal_grow.temp            293 
# 
_diffrn.ambient_environment              ? 
_diffrn.ambient_temp                     99 
_diffrn.ambient_temp_details             ? 
_diffrn.ambient_temp_esd                 ? 
_diffrn.crystal_id                       1 
_diffrn.crystal_support                  ? 
_diffrn.crystal_treatment                ? 
_diffrn.details                          ? 
_diffrn.id                               1 
_diffrn.ambient_pressure                 ? 
_diffrn.ambient_pressure_esd             ? 
_diffrn.ambient_pressure_gt              ? 
_diffrn.ambient_pressure_lt              ? 
_diffrn.ambient_temp_gt                  ? 
_diffrn.ambient_temp_lt                  ? 
_diffrn.pdbx_serial_crystal_experiment   N 
# 
_diffrn_detector.details                      ? 
_diffrn_detector.detector                     PIXEL 
_diffrn_detector.diffrn_id                    1 
_diffrn_detector.type                         'DECTRIS EIGER2 S 9M' 
_diffrn_detector.area_resol_mean              ? 
_diffrn_detector.dtime                        ? 
_diffrn_detector.pdbx_frames_total            ? 
_diffrn_detector.pdbx_collection_time_total   ? 
_diffrn_detector.pdbx_collection_date         2024-06-21 
_diffrn_detector.pdbx_frequency               ? 
_diffrn_detector.id                           ? 
_diffrn_detector.number_of_axes               ? 
# 
_diffrn_radiation.collimation                      ? 
_diffrn_radiation.diffrn_id                        1 
_diffrn_radiation.filter_edge                      ? 
_diffrn_radiation.inhomogeneity                    ? 
_diffrn_radiation.monochromator                    ? 
_diffrn_radiation.polarisn_norm                    ? 
_diffrn_radiation.polarisn_ratio                   ? 
_diffrn_radiation.probe                            ? 
_diffrn_radiation.type                             ? 
_diffrn_radiation.xray_symbol                      ? 
_diffrn_radiation.wavelength_id                    1 
_diffrn_radiation.pdbx_monochromatic_or_laue_m_l   M 
_diffrn_radiation.pdbx_wavelength_list             ? 
_diffrn_radiation.pdbx_wavelength                  ? 
_diffrn_radiation.pdbx_diffrn_protocol             'SINGLE WAVELENGTH' 
_diffrn_radiation.pdbx_analyzer                    ? 
_diffrn_radiation.pdbx_scattering_type             x-ray 
# 
_diffrn_radiation_wavelength.id           1 
_diffrn_radiation_wavelength.wavelength   1.000050 
_diffrn_radiation_wavelength.wt           1.0 
# 
_diffrn_source.current                     ? 
_diffrn_source.details                     ? 
_diffrn_source.diffrn_id                   1 
_diffrn_source.power                       ? 
_diffrn_source.size                        ? 
_diffrn_source.source                      SYNCHROTRON 
_diffrn_source.target                      ? 
_diffrn_source.type                        'ALS BEAMLINE 8.2.1' 
_diffrn_source.voltage                     ? 
_diffrn_source.take-off_angle              ? 
_diffrn_source.pdbx_wavelength_list        1.000050 
_diffrn_source.pdbx_wavelength             ? 
_diffrn_source.pdbx_synchrotron_beamline   8.2.1 
_diffrn_source.pdbx_synchrotron_site       ALS 
# 
_reflns.B_iso_Wilson_estimate                          27.64 
_reflns.entry_id                                       9CSQ 
_reflns.data_reduction_details                         ? 
_reflns.data_reduction_method                          ? 
_reflns.d_resolution_high                              1.54 
_reflns.d_resolution_low                               41.05 
_reflns.details                                        ? 
_reflns.limit_h_max                                    ? 
_reflns.limit_h_min                                    ? 
_reflns.limit_k_max                                    ? 
_reflns.limit_k_min                                    ? 
_reflns.limit_l_max                                    ? 
_reflns.limit_l_min                                    ? 
_reflns.number_all                                     ? 
_reflns.number_obs                                     6923 
_reflns.observed_criterion                             ? 
_reflns.observed_criterion_F_max                       ? 
_reflns.observed_criterion_F_min                       ? 
_reflns.observed_criterion_I_max                       ? 
_reflns.observed_criterion_I_min                       ? 
_reflns.observed_criterion_sigma_F                     ? 
_reflns.observed_criterion_sigma_I                     ? 
_reflns.percent_possible_obs                           99.9 
_reflns.R_free_details                                 ? 
_reflns.Rmerge_F_all                                   ? 
_reflns.Rmerge_F_obs                                   ? 
_reflns.Friedel_coverage                               ? 
_reflns.number_gt                                      ? 
_reflns.threshold_expression                           ? 
_reflns.pdbx_redundancy                                9.4 
_reflns.pdbx_netI_over_av_sigmaI                       ? 
_reflns.pdbx_netI_over_sigmaI                          19.0 
_reflns.pdbx_res_netI_over_av_sigmaI_2                 ? 
_reflns.pdbx_res_netI_over_sigmaI_2                    ? 
_reflns.pdbx_chi_squared                               1.02 
_reflns.pdbx_scaling_rejects                           ? 
_reflns.pdbx_d_res_high_opt                            ? 
_reflns.pdbx_d_res_low_opt                             ? 
_reflns.pdbx_d_res_opt_method                          ? 
_reflns.phase_calculation_details                      ? 
_reflns.pdbx_Rrim_I_all                                0.058 
_reflns.pdbx_Rpim_I_all                                0.025 
_reflns.pdbx_d_opt                                     ? 
_reflns.pdbx_number_measured_all                       ? 
_reflns.pdbx_diffrn_id                                 1 
_reflns.pdbx_ordinal                                   1 
_reflns.pdbx_CC_half                                   0.998 
_reflns.pdbx_CC_star                                   ? 
_reflns.pdbx_R_split                                   ? 
_reflns.pdbx_Rmerge_I_obs                              0.052 
_reflns.pdbx_Rmerge_I_all                              ? 
_reflns.pdbx_Rsym_value                                ? 
_reflns.pdbx_CC_split_method                           ? 
_reflns.pdbx_aniso_diffraction_limit_axis_1_ortho[1]   ? 
_reflns.pdbx_aniso_diffraction_limit_axis_1_ortho[2]   ? 
_reflns.pdbx_aniso_diffraction_limit_axis_1_ortho[3]   ? 
_reflns.pdbx_aniso_diffraction_limit_axis_2_ortho[1]   ? 
_reflns.pdbx_aniso_diffraction_limit_axis_2_ortho[2]   ? 
_reflns.pdbx_aniso_diffraction_limit_axis_2_ortho[3]   ? 
_reflns.pdbx_aniso_diffraction_limit_axis_3_ortho[1]   ? 
_reflns.pdbx_aniso_diffraction_limit_axis_3_ortho[2]   ? 
_reflns.pdbx_aniso_diffraction_limit_axis_3_ortho[3]   ? 
_reflns.pdbx_aniso_diffraction_limit_1                 ? 
_reflns.pdbx_aniso_diffraction_limit_2                 ? 
_reflns.pdbx_aniso_diffraction_limit_3                 ? 
_reflns.pdbx_aniso_B_tensor_eigenvector_1_ortho[1]     ? 
_reflns.pdbx_aniso_B_tensor_eigenvector_1_ortho[2]     ? 
_reflns.pdbx_aniso_B_tensor_eigenvector_1_ortho[3]     ? 
_reflns.pdbx_aniso_B_tensor_eigenvector_2_ortho[1]     ? 
_reflns.pdbx_aniso_B_tensor_eigenvector_2_ortho[2]     ? 
_reflns.pdbx_aniso_B_tensor_eigenvector_2_ortho[3]     ? 
_reflns.pdbx_aniso_B_tensor_eigenvector_3_ortho[1]     ? 
_reflns.pdbx_aniso_B_tensor_eigenvector_3_ortho[2]     ? 
_reflns.pdbx_aniso_B_tensor_eigenvector_3_ortho[3]     ? 
_reflns.pdbx_aniso_B_tensor_eigenvalue_1               ? 
_reflns.pdbx_aniso_B_tensor_eigenvalue_2               ? 
_reflns.pdbx_aniso_B_tensor_eigenvalue_3               ? 
_reflns.pdbx_orthogonalization_convention              ? 
_reflns.pdbx_percent_possible_ellipsoidal              ? 
_reflns.pdbx_percent_possible_spherical                ? 
_reflns.pdbx_percent_possible_ellipsoidal_anomalous    ? 
_reflns.pdbx_percent_possible_spherical_anomalous      ? 
_reflns.pdbx_redundancy_anomalous                      ? 
_reflns.pdbx_CC_half_anomalous                         ? 
_reflns.pdbx_absDiff_over_sigma_anomalous              ? 
_reflns.pdbx_percent_possible_anomalous                ? 
_reflns.pdbx_observed_signal_threshold                 ? 
_reflns.pdbx_signal_type                               ? 
_reflns.pdbx_signal_details                            ? 
_reflns.pdbx_signal_software_id                        ? 
# 
_reflns_shell.d_res_high                                    1.54 
_reflns_shell.d_res_low                                     1.57 
_reflns_shell.meanI_over_sigI_all                           ? 
_reflns_shell.meanI_over_sigI_obs                           2.5 
_reflns_shell.number_measured_all                           ? 
_reflns_shell.number_measured_obs                           ? 
_reflns_shell.number_possible                               ? 
_reflns_shell.number_unique_all                             ? 
_reflns_shell.number_unique_obs                             339 
_reflns_shell.percent_possible_obs                          ? 
_reflns_shell.Rmerge_F_all                                  ? 
_reflns_shell.Rmerge_F_obs                                  ? 
_reflns_shell.meanI_over_sigI_gt                            ? 
_reflns_shell.meanI_over_uI_all                             ? 
_reflns_shell.meanI_over_uI_gt                              ? 
_reflns_shell.number_measured_gt                            ? 
_reflns_shell.number_unique_gt                              ? 
_reflns_shell.percent_possible_gt                           ? 
_reflns_shell.Rmerge_F_gt                                   ? 
_reflns_shell.Rmerge_I_gt                                   ? 
_reflns_shell.pdbx_redundancy                               9.9 
_reflns_shell.pdbx_chi_squared                              0.61 
_reflns_shell.pdbx_netI_over_sigmaI_all                     ? 
_reflns_shell.pdbx_netI_over_sigmaI_obs                     ? 
_reflns_shell.pdbx_Rrim_I_all                               0.805 
_reflns_shell.pdbx_Rpim_I_all                               0.346 
_reflns_shell.pdbx_rejects                                  ? 
_reflns_shell.pdbx_ordinal                                  1 
_reflns_shell.pdbx_diffrn_id                                1 
_reflns_shell.pdbx_CC_half                                  0.952 
_reflns_shell.pdbx_CC_star                                  ? 
_reflns_shell.pdbx_R_split                                  ? 
_reflns_shell.percent_possible_all                          100.0 
_reflns_shell.Rmerge_I_all                                  ? 
_reflns_shell.Rmerge_I_obs                                  0.725 
_reflns_shell.pdbx_Rsym_value                               ? 
_reflns_shell.pdbx_percent_possible_ellipsoidal             ? 
_reflns_shell.pdbx_percent_possible_spherical               ? 
_reflns_shell.pdbx_percent_possible_ellipsoidal_anomalous   ? 
_reflns_shell.pdbx_percent_possible_spherical_anomalous     ? 
_reflns_shell.pdbx_redundancy_anomalous                     ? 
_reflns_shell.pdbx_CC_half_anomalous                        ? 
_reflns_shell.pdbx_absDiff_over_sigma_anomalous             ? 
_reflns_shell.pdbx_percent_possible_anomalous               ? 
# 
_refine.aniso_B[1][1]                            -0.005 
_refine.aniso_B[1][2]                            -0.002 
_refine.aniso_B[1][3]                            0.000 
_refine.aniso_B[2][2]                            -0.005 
_refine.aniso_B[2][3]                            0.000 
_refine.aniso_B[3][3]                            0.015 
_refine.B_iso_max                                ? 
_refine.B_iso_mean                               29.087 
_refine.B_iso_min                                ? 
_refine.correlation_coeff_Fo_to_Fc               0.972 
_refine.correlation_coeff_Fo_to_Fc_free          0.972 
_refine.details                                  'Hydrogens have been added in their riding positions' 
_refine.diff_density_max                         ? 
_refine.diff_density_max_esd                     ? 
_refine.diff_density_min                         ? 
_refine.diff_density_min_esd                     ? 
_refine.diff_density_rms                         ? 
_refine.diff_density_rms_esd                     ? 
_refine.entry_id                                 9CSQ 
_refine.pdbx_refine_id                           'X-RAY DIFFRACTION' 
_refine.ls_abs_structure_details                 ? 
_refine.ls_abs_structure_Flack                   ? 
_refine.ls_abs_structure_Flack_esd               ? 
_refine.ls_abs_structure_Rogers                  ? 
_refine.ls_abs_structure_Rogers_esd              ? 
_refine.ls_d_res_high                            1.540 
_refine.ls_d_res_low                             35.952 
_refine.ls_extinction_coef                       ? 
_refine.ls_extinction_coef_esd                   ? 
_refine.ls_extinction_expression                 ? 
_refine.ls_extinction_method                     ? 
_refine.ls_goodness_of_fit_all                   ? 
_refine.ls_goodness_of_fit_all_esd               ? 
_refine.ls_goodness_of_fit_obs                   ? 
_refine.ls_goodness_of_fit_obs_esd               ? 
_refine.ls_hydrogen_treatment                    ? 
_refine.ls_matrix_type                           ? 
_refine.ls_number_constraints                    ? 
_refine.ls_number_parameters                     ? 
_refine.ls_number_reflns_all                     ? 
_refine.ls_number_reflns_obs                     6881 
_refine.ls_number_reflns_R_free                  687 
_refine.ls_number_reflns_R_work                  6194 
_refine.ls_number_restraints                     ? 
_refine.ls_percent_reflns_obs                    99.279 
_refine.ls_percent_reflns_R_free                 9.984 
_refine.ls_R_factor_all                          0.225 
_refine.ls_R_factor_obs                          ? 
_refine.ls_R_factor_R_free                       0.2448 
_refine.ls_R_factor_R_free_error                 ? 
_refine.ls_R_factor_R_free_error_details         ? 
_refine.ls_R_factor_R_work                       0.2221 
_refine.ls_R_Fsqd_factor_obs                     ? 
_refine.ls_R_I_factor_obs                        ? 
_refine.ls_redundancy_reflns_all                 ? 
_refine.ls_redundancy_reflns_obs                 ? 
_refine.ls_restrained_S_all                      ? 
_refine.ls_restrained_S_obs                      ? 
_refine.ls_shift_over_esd_max                    ? 
_refine.ls_shift_over_esd_mean                   ? 
_refine.ls_structure_factor_coef                 ? 
_refine.ls_weighting_details                     ? 
_refine.ls_weighting_scheme                      ? 
_refine.ls_wR_factor_all                         ? 
_refine.ls_wR_factor_obs                         ? 
_refine.ls_wR_factor_R_free                      ? 
_refine.ls_wR_factor_R_work                      ? 
_refine.occupancy_max                            ? 
_refine.occupancy_min                            ? 
_refine.solvent_model_details                    'MASK BULK SOLVENT' 
_refine.solvent_model_param_bsol                 ? 
_refine.solvent_model_param_ksol                 ? 
_refine.pdbx_R_complete                          ? 
_refine.ls_R_factor_gt                           ? 
_refine.ls_goodness_of_fit_gt                    ? 
_refine.ls_goodness_of_fit_ref                   ? 
_refine.ls_shift_over_su_max                     ? 
_refine.ls_shift_over_su_max_lt                  ? 
_refine.ls_shift_over_su_mean                    ? 
_refine.ls_shift_over_su_mean_lt                 ? 
_refine.pdbx_ls_sigma_I                          ? 
_refine.pdbx_ls_sigma_F                          ? 
_refine.pdbx_ls_sigma_Fsqd                       ? 
_refine.pdbx_data_cutoff_high_absF               ? 
_refine.pdbx_data_cutoff_high_rms_absF           ? 
_refine.pdbx_data_cutoff_low_absF                ? 
_refine.pdbx_isotropic_thermal_model             ? 
_refine.pdbx_ls_cross_valid_method               'FREE R-VALUE' 
_refine.pdbx_method_to_determine_struct          'MOLECULAR REPLACEMENT' 
_refine.pdbx_starting_model                      ? 
_refine.pdbx_stereochemistry_target_values       ? 
_refine.pdbx_R_Free_selection_details            ? 
_refine.pdbx_stereochem_target_val_spec_case     ? 
_refine.pdbx_overall_ESU_R                       0.103 
_refine.pdbx_overall_ESU_R_Free                  0.098 
_refine.pdbx_solvent_vdw_probe_radii             1.200 
_refine.pdbx_solvent_ion_probe_radii             0.800 
_refine.pdbx_solvent_shrinkage_radii             0.800 
_refine.pdbx_real_space_R                        ? 
_refine.pdbx_density_correlation                 ? 
_refine.pdbx_pd_number_of_powder_patterns        ? 
_refine.pdbx_pd_number_of_points                 ? 
_refine.pdbx_pd_meas_number_of_points            ? 
_refine.pdbx_pd_proc_ls_prof_R_factor            ? 
_refine.pdbx_pd_proc_ls_prof_wR_factor           ? 
_refine.pdbx_pd_Marquardt_correlation_coeff      ? 
_refine.pdbx_pd_Fsqrd_R_factor                   ? 
_refine.pdbx_pd_ls_matrix_band_width             ? 
_refine.pdbx_overall_phase_error                 ? 
_refine.pdbx_overall_SU_R_free_Cruickshank_DPI   ? 
_refine.pdbx_overall_SU_R_free_Blow_DPI          ? 
_refine.pdbx_overall_SU_R_Blow_DPI               ? 
_refine.pdbx_TLS_residual_ADP_flag               ? 
_refine.pdbx_diffrn_id                           1 
_refine.overall_SU_B                             2.854 
_refine.overall_SU_ML                            0.094 
_refine.overall_SU_R_Cruickshank_DPI             ? 
_refine.overall_SU_R_free                        ? 
_refine.overall_FOM_free_R_set                   ? 
_refine.overall_FOM_work_R_set                   ? 
_refine.pdbx_average_fsc_overall                 ? 
_refine.pdbx_average_fsc_work                    ? 
_refine.pdbx_average_fsc_free                    ? 
# 
_refine_hist.pdbx_refine_id                   'X-RAY DIFFRACTION' 
_refine_hist.cycle_id                         LAST 
_refine_hist.details                          ? 
_refine_hist.d_res_high                       1.540 
_refine_hist.d_res_low                        35.952 
_refine_hist.number_atoms_solvent             56 
_refine_hist.number_atoms_total               391 
_refine_hist.number_reflns_all                ? 
_refine_hist.number_reflns_obs                ? 
_refine_hist.number_reflns_R_free             ? 
_refine_hist.number_reflns_R_work             ? 
_refine_hist.R_factor_all                     ? 
_refine_hist.R_factor_obs                     ? 
_refine_hist.R_factor_R_free                  ? 
_refine_hist.R_factor_R_work                  ? 
_refine_hist.pdbx_number_residues_total       ? 
_refine_hist.pdbx_B_iso_mean_ligand           ? 
_refine_hist.pdbx_B_iso_mean_solvent          ? 
_refine_hist.pdbx_number_atoms_protein        0 
_refine_hist.pdbx_number_atoms_nucleic_acid   335 
_refine_hist.pdbx_number_atoms_ligand         0 
_refine_hist.pdbx_number_atoms_lipid          ? 
_refine_hist.pdbx_number_atoms_carb           ? 
_refine_hist.pdbx_pseudo_atom_details         ? 
# 
loop_
_refine_ls_restr.pdbx_refine_id 
_refine_ls_restr.criterion 
_refine_ls_restr.dev_ideal 
_refine_ls_restr.dev_ideal_target 
_refine_ls_restr.number 
_refine_ls_restr.rejects 
_refine_ls_restr.type 
_refine_ls_restr.weight 
_refine_ls_restr.pdbx_restraint_function 
'X-RAY DIFFRACTION' ? 0.013 0.011  374 ? r_bond_refined_d               ? ? 
'X-RAY DIFFRACTION' ? 0.002 0.019  154 ? r_bond_other_d                 ? ? 
'X-RAY DIFFRACTION' ? 2.481 1.972  580 ? r_angle_refined_deg            ? ? 
'X-RAY DIFFRACTION' ? 0.832 1.814  378 ? r_angle_other_deg              ? ? 
'X-RAY DIFFRACTION' ? 0.240 5.000  9   ? r_dihedral_angle_other_2_deg   ? ? 
'X-RAY DIFFRACTION' ? 0.105 0.200  79  ? r_chiral_restr                 ? ? 
'X-RAY DIFFRACTION' ? 0.018 0.020  180 ? r_gen_planes_refined           ? ? 
'X-RAY DIFFRACTION' ? 0.001 0.020  58  ? r_gen_planes_other             ? ? 
'X-RAY DIFFRACTION' ? 0.092 0.200  46  ? r_nbd_refined                  ? ? 
'X-RAY DIFFRACTION' ? 0.211 0.200  180 ? r_symmetry_nbd_other           ? ? 
'X-RAY DIFFRACTION' ? 0.240 0.200  149 ? r_nbtor_refined                ? ? 
'X-RAY DIFFRACTION' ? 0.086 0.200  92  ? r_symmetry_nbtor_other         ? ? 
'X-RAY DIFFRACTION' ? 0.269 0.200  41  ? r_xyhbond_nbd_refined          ? ? 
'X-RAY DIFFRACTION' ? 0.099 0.200  27  ? r_symmetry_nbd_refined         ? ? 
'X-RAY DIFFRACTION' ? 0.150 0.200  66  ? r_nbd_other                    ? ? 
'X-RAY DIFFRACTION' ? 0.219 0.200  27  ? r_symmetry_xyhbond_nbd_refined ? ? 
'X-RAY DIFFRACTION' ? 3.157 3.474  374 ? r_scbond_it                    ? ? 
'X-RAY DIFFRACTION' ? 3.153 3.472  375 ? r_scbond_other                 ? ? 
'X-RAY DIFFRACTION' ? 4.230 6.341  580 ? r_scangle_it                   ? ? 
'X-RAY DIFFRACTION' ? 4.227 6.338  581 ? r_scangle_other                ? ? 
'X-RAY DIFFRACTION' ? 5.452 52.430 542 ? r_lrange_it                    ? ? 
'X-RAY DIFFRACTION' ? 5.341 50.814 524 ? r_lrange_other                 ? ? 
# 
loop_
_refine_ls_shell.pdbx_refine_id 
_refine_ls_shell.d_res_high 
_refine_ls_shell.d_res_low 
_refine_ls_shell.number_reflns_all 
_refine_ls_shell.number_reflns_obs 
_refine_ls_shell.number_reflns_R_free 
_refine_ls_shell.number_reflns_R_work 
_refine_ls_shell.percent_reflns_obs 
_refine_ls_shell.percent_reflns_R_free 
_refine_ls_shell.R_factor_all 
_refine_ls_shell.R_factor_obs 
_refine_ls_shell.R_factor_R_free_error 
_refine_ls_shell.R_factor_R_work 
_refine_ls_shell.redundancy_reflns_all 
_refine_ls_shell.redundancy_reflns_obs 
_refine_ls_shell.wR_factor_all 
_refine_ls_shell.wR_factor_obs 
_refine_ls_shell.wR_factor_R_free 
_refine_ls_shell.wR_factor_R_work 
_refine_ls_shell.pdbx_R_complete 
_refine_ls_shell.pdbx_total_number_of_bins_used 
_refine_ls_shell.pdbx_phase_error 
_refine_ls_shell.pdbx_fsc_work 
_refine_ls_shell.pdbx_fsc_free 
_refine_ls_shell.R_factor_R_free 
'X-RAY DIFFRACTION' 1.540 1.580  497 . 50 446 99.7988  . 0.341 . . 0.337 . . . . . 0.307 . 20 . 0.922 0.901 0.373 
'X-RAY DIFFRACTION' 1.580 1.623  501 . 50 451 100.0000 . 0.312 . . 0.305 . . . . . 0.274 . 20 . 0.927 0.883 0.378 
'X-RAY DIFFRACTION' 1.623 1.670  477 . 48 426 99.3711  . 0.336 . . 0.324 . . . . . 0.284 . 20 . 0.925 0.894 0.436 
'X-RAY DIFFRACTION' 1.670 1.722  452 . 44 404 99.1150  . 0.299 . . 0.295 . . . . . 0.267 . 20 . 0.942 0.918 0.331 
'X-RAY DIFFRACTION' 1.722 1.778  444 . 43 395 98.6487  . 0.314 . . 0.314 . . . . . 0.280 . 20 . 0.931 0.921 0.316 
'X-RAY DIFFRACTION' 1.778 1.840  431 . 43 387 99.7680  . 0.299 . . 0.292 . . . . . 0.260 . 20 . 0.944 0.914 0.376 
'X-RAY DIFFRACTION' 1.840 1.909  433 . 43 386 99.0762  . 0.307 . . 0.298 . . . . . 0.272 . 20 . 0.940 0.900 0.387 
'X-RAY DIFFRACTION' 1.909 1.987  400 . 40 360 100.0000 . 0.328 . . 0.323 . . . . . 0.294 . 20 . 0.918 0.905 0.371 
'X-RAY DIFFRACTION' 1.987 2.075  388 . 38 350 100.0000 . 0.319 . . 0.306 . . . . . 0.296 . 20 . 0.940 0.880 0.443 
'X-RAY DIFFRACTION' 2.075 2.176  377 . 37 339 99.7347  . 0.305 . . 0.303 . . . . . 0.291 . 20 . 0.943 0.944 0.323 
'X-RAY DIFFRACTION' 2.176 2.293  359 . 36 323 100.0000 . 0.281 . . 0.281 . . . . . 0.279 . 20 . 0.949 0.966 0.285 
'X-RAY DIFFRACTION' 2.293 2.432  335 . 34 301 100.0000 . 0.300 . . 0.287 . . . . . 0.294 . 20 . 0.948 0.907 0.417 
'X-RAY DIFFRACTION' 2.432 2.599  321 . 32 288 99.6885  . 0.274 . . 0.269 . . . . . 0.292 . 20 . 0.958 0.945 0.323 
'X-RAY DIFFRACTION' 2.599 2.806  293 . 29 264 100.0000 . 0.255 . . 0.248 . . . . . 0.279 . 20 . 0.961 0.955 0.321 
'X-RAY DIFFRACTION' 2.806 3.072  281 . 27 247 97.5089  . 0.210 . . 0.208 . . . . . 0.248 . 20 . 0.976 0.966 0.224 
'X-RAY DIFFRACTION' 3.072 3.431  259 . 25 220 94.5946  . 0.187 . . 0.183 . . . . . 0.217 . 20 . 0.981 0.977 0.214 
'X-RAY DIFFRACTION' 3.431 3.956  225 . 23 195 96.8889  . 0.186 . . 0.182 . . . . . 0.226 . 20 . 0.982 0.979 0.214 
'X-RAY DIFFRACTION' 3.956 4.831  197 . 19 178 100.0000 . 0.155 . . 0.154 . . . . . 0.244 . 20 . 0.986 0.987 0.156 
'X-RAY DIFFRACTION' 4.831 6.771  156 . 16 140 100.0000 . 0.156 . . 0.156 . . . . . 0.269 . 20 . 0.984 0.986 0.156 
'X-RAY DIFFRACTION' 6.771 35.952 103 . 10 93  100.0000 . 0.170 . . 0.175 . . . . . 0.251 . 20 . 0.979 0.980 0.125 
# 
_struct.entry_id                     9CSQ 
_struct.title                        '16mer self-complementary duplex RNA with s(2)C:I pair sequence 1' 
_struct.pdbx_model_details           ? 
_struct.pdbx_formula_weight          ? 
_struct.pdbx_formula_weight_method   ? 
_struct.pdbx_model_type_details      ? 
_struct.pdbx_CASP_flag               N 
# 
_struct_keywords.entry_id        9CSQ 
_struct_keywords.text            '2-Thiocytidine, Inosine, Nucleobase Modification, Non-Canonical Base Pair, RNA, Origin of Life' 
_struct_keywords.pdbx_keywords   RNA 
# 
loop_
_struct_asym.id 
_struct_asym.pdbx_blank_PDB_chainid_flag 
_struct_asym.pdbx_modified 
_struct_asym.entity_id 
_struct_asym.details 
A N N 1 ? 
B N N 2 ? 
# 
_struct_ref.id                         1 
_struct_ref.db_name                    PDB 
_struct_ref.db_code                    9CSQ 
_struct_ref.pdbx_db_accession          9CSQ 
_struct_ref.pdbx_db_isoform            ? 
_struct_ref.entity_id                  1 
_struct_ref.pdbx_seq_one_letter_code   ? 
_struct_ref.pdbx_align_begin           1 
# 
_struct_ref_seq.align_id                      1 
_struct_ref_seq.ref_id                        1 
_struct_ref_seq.pdbx_PDB_id_code              9CSQ 
_struct_ref_seq.pdbx_strand_id                A 
_struct_ref_seq.seq_align_beg                 1 
_struct_ref_seq.pdbx_seq_align_beg_ins_code   ? 
_struct_ref_seq.seq_align_end                 16 
_struct_ref_seq.pdbx_seq_align_end_ins_code   ? 
_struct_ref_seq.pdbx_db_accession             9CSQ 
_struct_ref_seq.db_align_beg                  1 
_struct_ref_seq.pdbx_db_align_beg_ins_code    ? 
_struct_ref_seq.db_align_end                  16 
_struct_ref_seq.pdbx_db_align_end_ins_code    ? 
_struct_ref_seq.pdbx_auth_seq_align_beg       1 
_struct_ref_seq.pdbx_auth_seq_align_end       16 
# 
_pdbx_struct_assembly.id                   1 
_pdbx_struct_assembly.details              author_and_software_defined_assembly 
_pdbx_struct_assembly.method_details       PISA 
_pdbx_struct_assembly.oligomeric_details   dimeric 
_pdbx_struct_assembly.oligomeric_count     2 
# 
loop_
_pdbx_struct_assembly_prop.biol_id 
_pdbx_struct_assembly_prop.type 
_pdbx_struct_assembly_prop.value 
_pdbx_struct_assembly_prop.details 
1 'ABSA (A^2)' 1430 ? 
1 MORE         -5   ? 
1 'SSA (A^2)'  5810 ? 
# 
_pdbx_struct_assembly_gen.assembly_id       1 
_pdbx_struct_assembly_gen.oper_expression   1,2 
_pdbx_struct_assembly_gen.asym_id_list      A,B 
# 
loop_
_pdbx_struct_oper_list.id 
_pdbx_struct_oper_list.type 
_pdbx_struct_oper_list.name 
_pdbx_struct_oper_list.symmetry_operation 
_pdbx_struct_oper_list.matrix[1][1] 
_pdbx_struct_oper_list.matrix[1][2] 
_pdbx_struct_oper_list.matrix[1][3] 
_pdbx_struct_oper_list.vector[1] 
_pdbx_struct_oper_list.matrix[2][1] 
_pdbx_struct_oper_list.matrix[2][2] 
_pdbx_struct_oper_list.matrix[2][3] 
_pdbx_struct_oper_list.vector[2] 
_pdbx_struct_oper_list.matrix[3][1] 
_pdbx_struct_oper_list.matrix[3][2] 
_pdbx_struct_oper_list.matrix[3][3] 
_pdbx_struct_oper_list.vector[3] 
1 'identity operation'         1_555 x,y,z      1.0000000000  0.0000000000  0.0000000000 0.0000000000  0.0000000000  1.0000000000 0.0000000000  0.0000000000  0.0000000000 0.0000000000  1.0000000000  0.0000000000  
2 'crystal symmetry operation' 6_555 -x,-x+y,-z -0.2605725130 -0.9481346242 0.1820513659 -0.8531836216 -0.9481346242 0.2157504035 -0.2334362820 -1.3820505618 0.1820513659 -0.2334362820 -0.9551778905 -3.7324771817 
# 
loop_
_struct_conn.id 
_struct_conn.conn_type_id 
_struct_conn.pdbx_leaving_atom_flag 
_struct_conn.pdbx_PDB_id 
_struct_conn.ptnr1_label_asym_id 
_struct_conn.ptnr1_label_comp_id 
_struct_conn.ptnr1_label_seq_id 
_struct_conn.ptnr1_label_atom_id 
_struct_conn.pdbx_ptnr1_label_alt_id 
_struct_conn.pdbx_ptnr1_PDB_ins_code 
_struct_conn.pdbx_ptnr1_standard_comp_id 
_struct_conn.ptnr1_symmetry 
_struct_conn.ptnr2_label_asym_id 
_struct_conn.ptnr2_label_comp_id 
_struct_conn.ptnr2_label_seq_id 
_struct_conn.ptnr2_label_atom_id 
_struct_conn.pdbx_ptnr2_label_alt_id 
_struct_conn.pdbx_ptnr2_PDB_ins_code 
_struct_conn.ptnr1_auth_asym_id 
_struct_conn.ptnr1_auth_comp_id 
_struct_conn.ptnr1_auth_seq_id 
_struct_conn.ptnr2_auth_asym_id 
_struct_conn.ptnr2_auth_comp_id 
_struct_conn.ptnr2_auth_seq_id 
_struct_conn.ptnr2_symmetry 
_struct_conn.pdbx_ptnr3_label_atom_id 
_struct_conn.pdbx_ptnr3_label_seq_id 
_struct_conn.pdbx_ptnr3_label_comp_id 
_struct_conn.pdbx_ptnr3_label_asym_id 
_struct_conn.pdbx_ptnr3_label_alt_id 
_struct_conn.pdbx_ptnr3_PDB_ins_code 
_struct_conn.details 
_struct_conn.pdbx_dist_value 
_struct_conn.pdbx_value_order 
_struct_conn.pdbx_role 
covale1  covale both ? A U   14 "O3'" ? ? ? 1_555 A RSP 15 P  ? ? A U   14 A RSP 15 1_555 ? ? ? ? ? ? ?            1.594 ? ? 
covale2  covale both ? A RSP 15 "O3'" ? ? ? 1_555 A U   16 P  ? ? A RSP 15 A U   16 1_555 ? ? ? ? ? ? ?            1.598 ? ? 
hydrog1  hydrog ?    ? A A   1  N1    ? ? ? 1_555 A U   16 N3 ? ? A A   1  A U   16 6_555 ? ? ? ? ? ? WATSON-CRICK ?     ? ? 
hydrog2  hydrog ?    ? A A   1  N6    ? ? ? 1_555 A U   16 O4 ? ? A A   1  A U   16 6_555 ? ? ? ? ? ? WATSON-CRICK ?     ? ? 
hydrog3  hydrog ?    ? A I   2  N1    ? ? ? 1_555 A RSP 15 N3 ? ? A I   2  A RSP 15 6_555 ? ? ? ? ? ? TYPE_29_PAIR ?     ? ? 
hydrog4  hydrog ?    ? A I   2  O6    ? ? ? 1_555 A RSP 15 N4 ? ? A I   2  A RSP 15 6_555 ? ? ? ? ? ? TYPE_29_PAIR ?     ? ? 
hydrog5  hydrog ?    ? A A   3  N1    ? ? ? 1_555 A U   14 N3 ? ? A A   3  A U   14 6_555 ? ? ? ? ? ? WATSON-CRICK ?     ? ? 
hydrog6  hydrog ?    ? A A   3  N6    ? ? ? 1_555 A U   14 O4 ? ? A A   3  A U   14 6_555 ? ? ? ? ? ? WATSON-CRICK ?     ? ? 
hydrog7  hydrog ?    ? A G   4  N1    ? ? ? 1_555 A C   13 N3 ? ? A G   4  A C   13 6_555 ? ? ? ? ? ? WATSON-CRICK ?     ? ? 
hydrog8  hydrog ?    ? A G   4  N2    ? ? ? 1_555 A C   13 O2 ? ? A G   4  A C   13 6_555 ? ? ? ? ? ? WATSON-CRICK ?     ? ? 
hydrog9  hydrog ?    ? A G   4  O6    ? ? ? 1_555 A C   13 N4 ? ? A G   4  A C   13 6_555 ? ? ? ? ? ? WATSON-CRICK ?     ? ? 
hydrog10 hydrog ?    ? A A   5  N1    ? ? ? 1_555 A U   12 N3 ? ? A A   5  A U   12 6_555 ? ? ? ? ? ? WATSON-CRICK ?     ? ? 
hydrog11 hydrog ?    ? A A   5  N6    ? ? ? 1_555 A U   12 O4 ? ? A A   5  A U   12 6_555 ? ? ? ? ? ? WATSON-CRICK ?     ? ? 
hydrog12 hydrog ?    ? A A   6  N1    ? ? ? 1_555 A U   11 N3 ? ? A A   6  A U   11 6_555 ? ? ? ? ? ? WATSON-CRICK ?     ? ? 
hydrog13 hydrog ?    ? A A   6  N6    ? ? ? 1_555 A U   11 O4 ? ? A A   6  A U   11 6_555 ? ? ? ? ? ? WATSON-CRICK ?     ? ? 
hydrog14 hydrog ?    ? A G   7  N1    ? ? ? 1_555 A C   10 N3 ? ? A G   7  A C   10 6_555 ? ? ? ? ? ? WATSON-CRICK ?     ? ? 
hydrog15 hydrog ?    ? A G   7  N2    ? ? ? 1_555 A C   10 O2 ? ? A G   7  A C   10 6_555 ? ? ? ? ? ? WATSON-CRICK ?     ? ? 
hydrog16 hydrog ?    ? A G   7  O6    ? ? ? 1_555 A C   10 N4 ? ? A G   7  A C   10 6_555 ? ? ? ? ? ? WATSON-CRICK ?     ? ? 
hydrog17 hydrog ?    ? A A   8  N1    ? ? ? 1_555 A U   9  N3 ? ? A A   8  A U   9  6_555 ? ? ? ? ? ? WATSON-CRICK ?     ? ? 
hydrog18 hydrog ?    ? A A   8  N6    ? ? ? 1_555 A U   9  O4 ? ? A A   8  A U   9  6_555 ? ? ? ? ? ? WATSON-CRICK ?     ? ? 
hydrog19 hydrog ?    ? A U   9  N3    ? ? ? 1_555 A A   8  N1 ? ? A U   9  A A   8  6_555 ? ? ? ? ? ? WATSON-CRICK ?     ? ? 
hydrog20 hydrog ?    ? A U   9  O4    ? ? ? 1_555 A A   8  N6 ? ? A U   9  A A   8  6_555 ? ? ? ? ? ? WATSON-CRICK ?     ? ? 
hydrog21 hydrog ?    ? A C   10 N3    ? ? ? 1_555 A G   7  N1 ? ? A C   10 A G   7  6_555 ? ? ? ? ? ? WATSON-CRICK ?     ? ? 
hydrog22 hydrog ?    ? A C   10 N4    ? ? ? 1_555 A G   7  O6 ? ? A C   10 A G   7  6_555 ? ? ? ? ? ? WATSON-CRICK ?     ? ? 
hydrog23 hydrog ?    ? A C   10 O2    ? ? ? 1_555 A G   7  N2 ? ? A C   10 A G   7  6_555 ? ? ? ? ? ? WATSON-CRICK ?     ? ? 
hydrog24 hydrog ?    ? A U   11 N3    ? ? ? 1_555 A A   6  N1 ? ? A U   11 A A   6  6_555 ? ? ? ? ? ? WATSON-CRICK ?     ? ? 
hydrog25 hydrog ?    ? A U   11 O4    ? ? ? 1_555 A A   6  N6 ? ? A U   11 A A   6  6_555 ? ? ? ? ? ? WATSON-CRICK ?     ? ? 
hydrog26 hydrog ?    ? A U   12 N3    ? ? ? 1_555 A A   5  N1 ? ? A U   12 A A   5  6_555 ? ? ? ? ? ? WATSON-CRICK ?     ? ? 
hydrog27 hydrog ?    ? A U   12 O4    ? ? ? 1_555 A A   5  N6 ? ? A U   12 A A   5  6_555 ? ? ? ? ? ? WATSON-CRICK ?     ? ? 
hydrog28 hydrog ?    ? A C   13 N3    ? ? ? 1_555 A G   4  N1 ? ? A C   13 A G   4  6_555 ? ? ? ? ? ? WATSON-CRICK ?     ? ? 
hydrog29 hydrog ?    ? A C   13 N4    ? ? ? 1_555 A G   4  O6 ? ? A C   13 A G   4  6_555 ? ? ? ? ? ? WATSON-CRICK ?     ? ? 
hydrog30 hydrog ?    ? A C   13 O2    ? ? ? 1_555 A G   4  N2 ? ? A C   13 A G   4  6_555 ? ? ? ? ? ? WATSON-CRICK ?     ? ? 
hydrog31 hydrog ?    ? A U   14 N3    ? ? ? 1_555 A A   3  N1 ? ? A U   14 A A   3  6_555 ? ? ? ? ? ? WATSON-CRICK ?     ? ? 
hydrog32 hydrog ?    ? A U   14 O4    ? ? ? 1_555 A A   3  N6 ? ? A U   14 A A   3  6_555 ? ? ? ? ? ? WATSON-CRICK ?     ? ? 
hydrog33 hydrog ?    ? A RSP 15 N3    ? ? ? 1_555 A I   2  N1 ? ? A RSP 15 A I   2  6_555 ? ? ? ? ? ? TYPE_29_PAIR ?     ? ? 
hydrog34 hydrog ?    ? A RSP 15 N4    ? ? ? 1_555 A I   2  O6 ? ? A RSP 15 A I   2  6_555 ? ? ? ? ? ? TYPE_29_PAIR ?     ? ? 
hydrog35 hydrog ?    ? A U   16 N3    ? ? ? 1_555 A A   1  N1 ? ? A U   16 A A   1  6_555 ? ? ? ? ? ? WATSON-CRICK ?     ? ? 
hydrog36 hydrog ?    ? A U   16 O4    ? ? ? 1_555 A A   1  N6 ? ? A U   16 A A   1  6_555 ? ? ? ? ? ? WATSON-CRICK ?     ? ? 
# 
loop_
_struct_conn_type.id 
_struct_conn_type.criteria 
_struct_conn_type.reference 
covale ? ? 
hydrog ? ? 
# 
_pdbx_entry_details.entry_id                   9CSQ 
_pdbx_entry_details.has_ligand_of_interest     Y 
_pdbx_entry_details.compound_details           ? 
_pdbx_entry_details.source_details             ? 
_pdbx_entry_details.nonpolymer_details         ? 
_pdbx_entry_details.sequence_details           ? 
_pdbx_entry_details.has_protein_modification   N 
# 
loop_
_pdbx_validate_close_contact.id 
_pdbx_validate_close_contact.PDB_model_num 
_pdbx_validate_close_contact.auth_atom_id_1 
_pdbx_validate_close_contact.auth_asym_id_1 
_pdbx_validate_close_contact.auth_comp_id_1 
_pdbx_validate_close_contact.auth_seq_id_1 
_pdbx_validate_close_contact.PDB_ins_code_1 
_pdbx_validate_close_contact.label_alt_id_1 
_pdbx_validate_close_contact.auth_atom_id_2 
_pdbx_validate_close_contact.auth_asym_id_2 
_pdbx_validate_close_contact.auth_comp_id_2 
_pdbx_validate_close_contact.auth_seq_id_2 
_pdbx_validate_close_contact.PDB_ins_code_2 
_pdbx_validate_close_contact.label_alt_id_2 
_pdbx_validate_close_contact.dist 
1 1 O A HOH 144 ? ? O A HOH 155 ? ? 2.00 
2 1 O A HOH 105 ? ? O A HOH 155 ? ? 2.18 
# 
loop_
_pdbx_validate_symm_contact.id 
_pdbx_validate_symm_contact.PDB_model_num 
_pdbx_validate_symm_contact.auth_atom_id_1 
_pdbx_validate_symm_contact.auth_asym_id_1 
_pdbx_validate_symm_contact.auth_comp_id_1 
_pdbx_validate_symm_contact.auth_seq_id_1 
_pdbx_validate_symm_contact.PDB_ins_code_1 
_pdbx_validate_symm_contact.label_alt_id_1 
_pdbx_validate_symm_contact.site_symmetry_1 
_pdbx_validate_symm_contact.auth_atom_id_2 
_pdbx_validate_symm_contact.auth_asym_id_2 
_pdbx_validate_symm_contact.auth_comp_id_2 
_pdbx_validate_symm_contact.auth_seq_id_2 
_pdbx_validate_symm_contact.PDB_ins_code_2 
_pdbx_validate_symm_contact.label_alt_id_2 
_pdbx_validate_symm_contact.site_symmetry_2 
_pdbx_validate_symm_contact.dist 
1 1 O A HOH 106 ? ? 1_555 O A HOH 113 ? ? 12_455 2.12 
2 1 O A HOH 133 ? ? 1_555 O A HOH 147 ? ? 3_655  2.15 
# 
loop_
_pdbx_validate_rmsd_angle.id 
_pdbx_validate_rmsd_angle.PDB_model_num 
_pdbx_validate_rmsd_angle.auth_atom_id_1 
_pdbx_validate_rmsd_angle.auth_asym_id_1 
_pdbx_validate_rmsd_angle.auth_comp_id_1 
_pdbx_validate_rmsd_angle.auth_seq_id_1 
_pdbx_validate_rmsd_angle.PDB_ins_code_1 
_pdbx_validate_rmsd_angle.label_alt_id_1 
_pdbx_validate_rmsd_angle.auth_atom_id_2 
_pdbx_validate_rmsd_angle.auth_asym_id_2 
_pdbx_validate_rmsd_angle.auth_comp_id_2 
_pdbx_validate_rmsd_angle.auth_seq_id_2 
_pdbx_validate_rmsd_angle.PDB_ins_code_2 
_pdbx_validate_rmsd_angle.label_alt_id_2 
_pdbx_validate_rmsd_angle.auth_atom_id_3 
_pdbx_validate_rmsd_angle.auth_asym_id_3 
_pdbx_validate_rmsd_angle.auth_comp_id_3 
_pdbx_validate_rmsd_angle.auth_seq_id_3 
_pdbx_validate_rmsd_angle.PDB_ins_code_3 
_pdbx_validate_rmsd_angle.label_alt_id_3 
_pdbx_validate_rmsd_angle.angle_value 
_pdbx_validate_rmsd_angle.angle_target_value 
_pdbx_validate_rmsd_angle.angle_deviation 
_pdbx_validate_rmsd_angle.angle_standard_deviation 
_pdbx_validate_rmsd_angle.linker_flag 
1 1 "O5'" A G 7  ? ? P A G 7  ? ? OP2 A G 7  ? ? 91.76  105.70 -13.94 0.90 N 
2 1 "O3'" A U 9  ? ? P A C 10 ? ? OP2 A C 10 ? ? 117.89 110.50 7.39   1.10 Y 
3 1 "O5'" A C 10 ? ? P A C 10 ? ? OP2 A C 10 ? ? 98.42  105.70 -7.27  0.90 N 
4 1 "O3'" A U 11 ? ? P A U 12 ? ? OP2 A U 12 ? ? 118.02 110.50 7.52   1.10 Y 
# 
loop_
_pdbx_struct_special_symmetry.id 
_pdbx_struct_special_symmetry.PDB_model_num 
_pdbx_struct_special_symmetry.auth_asym_id 
_pdbx_struct_special_symmetry.auth_comp_id 
_pdbx_struct_special_symmetry.auth_seq_id 
_pdbx_struct_special_symmetry.PDB_ins_code 
_pdbx_struct_special_symmetry.label_asym_id 
_pdbx_struct_special_symmetry.label_comp_id 
_pdbx_struct_special_symmetry.label_seq_id 
1 1 A HOH 128 ? B HOH . 
2 1 A HOH 138 ? B HOH . 
3 1 A HOH 146 ? B HOH . 
4 1 A HOH 154 ? B HOH . 
# 
loop_
_space_group_symop.id 
_space_group_symop.operation_xyz 
1  x,y,z                  
2  -y,x-y,z               
3  -x+y,-x,z              
4  x-y,-y,-z              
5  -x,-x+y,-z             
6  y,x,-z                 
7  x+1/3,y+2/3,z+2/3      
8  -y+1/3,x-y+2/3,z+2/3   
9  -x+y+1/3,-x+2/3,z+2/3  
10 x-y+1/3,-y+2/3,-z+2/3  
11 -x+1/3,-x+y+2/3,-z+2/3 
12 y+1/3,x+2/3,-z+2/3     
13 x+2/3,y+1/3,z+1/3      
14 -y+2/3,x-y+1/3,z+1/3   
15 -x+y+2/3,-x+1/3,z+1/3  
16 x-y+2/3,-y+1/3,-z+1/3  
17 -x+2/3,-x+y+1/3,-z+1/3 
18 y+2/3,x+1/3,-z+1/3     
# 
loop_
_chem_comp_atom.comp_id 
_chem_comp_atom.atom_id 
_chem_comp_atom.type_symbol 
_chem_comp_atom.pdbx_aromatic_flag 
_chem_comp_atom.pdbx_stereo_config 
_chem_comp_atom.pdbx_ordinal 
A   OP3    O N N 1   
A   P      P N N 2   
A   OP1    O N N 3   
A   OP2    O N N 4   
A   "O5'"  O N N 5   
A   "C5'"  C N N 6   
A   "C4'"  C N R 7   
A   "O4'"  O N N 8   
A   "C3'"  C N S 9   
A   "O3'"  O N N 10  
A   "C2'"  C N R 11  
A   "O2'"  O N N 12  
A   "C1'"  C N R 13  
A   N9     N Y N 14  
A   C8     C Y N 15  
A   N7     N Y N 16  
A   C5     C Y N 17  
A   C6     C Y N 18  
A   N6     N N N 19  
A   N1     N Y N 20  
A   C2     C Y N 21  
A   N3     N Y N 22  
A   C4     C Y N 23  
A   HOP3   H N N 24  
A   HOP2   H N N 25  
A   "H5'"  H N N 26  
A   "H5''" H N N 27  
A   "H4'"  H N N 28  
A   "H3'"  H N N 29  
A   "HO3'" H N N 30  
A   "H2'"  H N N 31  
A   "HO2'" H N N 32  
A   "H1'"  H N N 33  
A   H8     H N N 34  
A   H61    H N N 35  
A   H62    H N N 36  
A   H2     H N N 37  
C   OP3    O N N 38  
C   P      P N N 39  
C   OP1    O N N 40  
C   OP2    O N N 41  
C   "O5'"  O N N 42  
C   "C5'"  C N N 43  
C   "C4'"  C N R 44  
C   "O4'"  O N N 45  
C   "C3'"  C N S 46  
C   "O3'"  O N N 47  
C   "C2'"  C N R 48  
C   "O2'"  O N N 49  
C   "C1'"  C N R 50  
C   N1     N N N 51  
C   C2     C N N 52  
C   O2     O N N 53  
C   N3     N N N 54  
C   C4     C N N 55  
C   N4     N N N 56  
C   C5     C N N 57  
C   C6     C N N 58  
C   HOP3   H N N 59  
C   HOP2   H N N 60  
C   "H5'"  H N N 61  
C   "H5''" H N N 62  
C   "H4'"  H N N 63  
C   "H3'"  H N N 64  
C   "HO3'" H N N 65  
C   "H2'"  H N N 66  
C   "HO2'" H N N 67  
C   "H1'"  H N N 68  
C   H41    H N N 69  
C   H42    H N N 70  
C   H5     H N N 71  
C   H6     H N N 72  
G   OP3    O N N 73  
G   P      P N N 74  
G   OP1    O N N 75  
G   OP2    O N N 76  
G   "O5'"  O N N 77  
G   "C5'"  C N N 78  
G   "C4'"  C N R 79  
G   "O4'"  O N N 80  
G   "C3'"  C N S 81  
G   "O3'"  O N N 82  
G   "C2'"  C N R 83  
G   "O2'"  O N N 84  
G   "C1'"  C N R 85  
G   N9     N Y N 86  
G   C8     C Y N 87  
G   N7     N Y N 88  
G   C5     C Y N 89  
G   C6     C N N 90  
G   O6     O N N 91  
G   N1     N N N 92  
G   C2     C N N 93  
G   N2     N N N 94  
G   N3     N N N 95  
G   C4     C Y N 96  
G   HOP3   H N N 97  
G   HOP2   H N N 98  
G   "H5'"  H N N 99  
G   "H5''" H N N 100 
G   "H4'"  H N N 101 
G   "H3'"  H N N 102 
G   "HO3'" H N N 103 
G   "H2'"  H N N 104 
G   "HO2'" H N N 105 
G   "H1'"  H N N 106 
G   H8     H N N 107 
G   H1     H N N 108 
G   H21    H N N 109 
G   H22    H N N 110 
HOH O      O N N 111 
HOH H1     H N N 112 
HOH H2     H N N 113 
I   OP3    O N N 114 
I   P      P N N 115 
I   OP1    O N N 116 
I   OP2    O N N 117 
I   "O5'"  O N N 118 
I   "C5'"  C N N 119 
I   "C4'"  C N R 120 
I   "O4'"  O N N 121 
I   "C3'"  C N S 122 
I   "O3'"  O N N 123 
I   "C2'"  C N R 124 
I   "O2'"  O N N 125 
I   "C1'"  C N R 126 
I   N9     N Y N 127 
I   C8     C Y N 128 
I   N7     N Y N 129 
I   C5     C Y N 130 
I   C6     C N N 131 
I   O6     O N N 132 
I   N1     N N N 133 
I   C2     C N N 134 
I   N3     N N N 135 
I   C4     C Y N 136 
I   HOP3   H N N 137 
I   HOP2   H N N 138 
I   "H5'"  H N N 139 
I   "H5''" H N N 140 
I   "H4'"  H N N 141 
I   "H3'"  H N N 142 
I   "HO3'" H N N 143 
I   "H2'"  H N N 144 
I   "HO2'" H N N 145 
I   "H1'"  H N N 146 
I   H8     H N N 147 
I   H1     H N N 148 
I   H2     H N N 149 
RSP P      P N N 150 
RSP N1     N N N 151 
RSP C2     C N N 152 
RSP S2     S N N 153 
RSP N3     N N N 154 
RSP C4     C N N 155 
RSP N4     N N N 156 
RSP C5     C N N 157 
RSP C6     C N N 158 
RSP "C1'"  C N R 159 
RSP "C2'"  C N R 160 
RSP "O2'"  O N N 161 
RSP "C3'"  C N S 162 
RSP "O3'"  O N N 163 
RSP "C4'"  C N R 164 
RSP "O4'"  O N N 165 
RSP "C5'"  C N N 166 
RSP "O5'"  O N N 167 
RSP OP1    O N N 168 
RSP OP2    O N N 169 
RSP OP3    O N N 170 
RSP H5     H N N 171 
RSP H6     H N N 172 
RSP "H5'"  H N N 173 
RSP "H1'"  H N N 174 
RSP "H2'"  H N N 175 
RSP "HO2'" H N N 176 
RSP "H3'"  H N N 177 
RSP "H4'"  H N N 178 
RSP HN4    H N N 179 
RSP HN4A   H N N 180 
RSP "H5'A" H N N 181 
RSP "HO3'" H N N 182 
RSP HOP2   H N N 183 
RSP HOP3   H N N 184 
U   OP3    O N N 185 
U   P      P N N 186 
U   OP1    O N N 187 
U   OP2    O N N 188 
U   "O5'"  O N N 189 
U   "C5'"  C N N 190 
U   "C4'"  C N R 191 
U   "O4'"  O N N 192 
U   "C3'"  C N S 193 
U   "O3'"  O N N 194 
U   "C2'"  C N R 195 
U   "O2'"  O N N 196 
U   "C1'"  C N R 197 
U   N1     N N N 198 
U   C2     C N N 199 
U   O2     O N N 200 
U   N3     N N N 201 
U   C4     C N N 202 
U   O4     O N N 203 
U   C5     C N N 204 
U   C6     C N N 205 
U   HOP3   H N N 206 
U   HOP2   H N N 207 
U   "H5'"  H N N 208 
U   "H5''" H N N 209 
U   "H4'"  H N N 210 
U   "H3'"  H N N 211 
U   "HO3'" H N N 212 
U   "H2'"  H N N 213 
U   "HO2'" H N N 214 
U   "H1'"  H N N 215 
U   H3     H N N 216 
U   H5     H N N 217 
U   H6     H N N 218 
# 
loop_
_chem_comp_bond.comp_id 
_chem_comp_bond.atom_id_1 
_chem_comp_bond.atom_id_2 
_chem_comp_bond.value_order 
_chem_comp_bond.pdbx_aromatic_flag 
_chem_comp_bond.pdbx_stereo_config 
_chem_comp_bond.pdbx_ordinal 
A   OP3    P      sing N N 1   
A   OP3    HOP3   sing N N 2   
A   P      OP1    doub N N 3   
A   P      OP2    sing N N 4   
A   P      "O5'"  sing N N 5   
A   OP2    HOP2   sing N N 6   
A   "O5'"  "C5'"  sing N N 7   
A   "C5'"  "C4'"  sing N N 8   
A   "C5'"  "H5'"  sing N N 9   
A   "C5'"  "H5''" sing N N 10  
A   "C4'"  "O4'"  sing N N 11  
A   "C4'"  "C3'"  sing N N 12  
A   "C4'"  "H4'"  sing N N 13  
A   "O4'"  "C1'"  sing N N 14  
A   "C3'"  "O3'"  sing N N 15  
A   "C3'"  "C2'"  sing N N 16  
A   "C3'"  "H3'"  sing N N 17  
A   "O3'"  "HO3'" sing N N 18  
A   "C2'"  "O2'"  sing N N 19  
A   "C2'"  "C1'"  sing N N 20  
A   "C2'"  "H2'"  sing N N 21  
A   "O2'"  "HO2'" sing N N 22  
A   "C1'"  N9     sing N N 23  
A   "C1'"  "H1'"  sing N N 24  
A   N9     C8     sing Y N 25  
A   N9     C4     sing Y N 26  
A   C8     N7     doub Y N 27  
A   C8     H8     sing N N 28  
A   N7     C5     sing Y N 29  
A   C5     C6     sing Y N 30  
A   C5     C4     doub Y N 31  
A   C6     N6     sing N N 32  
A   C6     N1     doub Y N 33  
A   N6     H61    sing N N 34  
A   N6     H62    sing N N 35  
A   N1     C2     sing Y N 36  
A   C2     N3     doub Y N 37  
A   C2     H2     sing N N 38  
A   N3     C4     sing Y N 39  
C   OP3    P      sing N N 40  
C   OP3    HOP3   sing N N 41  
C   P      OP1    doub N N 42  
C   P      OP2    sing N N 43  
C   P      "O5'"  sing N N 44  
C   OP2    HOP2   sing N N 45  
C   "O5'"  "C5'"  sing N N 46  
C   "C5'"  "C4'"  sing N N 47  
C   "C5'"  "H5'"  sing N N 48  
C   "C5'"  "H5''" sing N N 49  
C   "C4'"  "O4'"  sing N N 50  
C   "C4'"  "C3'"  sing N N 51  
C   "C4'"  "H4'"  sing N N 52  
C   "O4'"  "C1'"  sing N N 53  
C   "C3'"  "O3'"  sing N N 54  
C   "C3'"  "C2'"  sing N N 55  
C   "C3'"  "H3'"  sing N N 56  
C   "O3'"  "HO3'" sing N N 57  
C   "C2'"  "O2'"  sing N N 58  
C   "C2'"  "C1'"  sing N N 59  
C   "C2'"  "H2'"  sing N N 60  
C   "O2'"  "HO2'" sing N N 61  
C   "C1'"  N1     sing N N 62  
C   "C1'"  "H1'"  sing N N 63  
C   N1     C2     sing N N 64  
C   N1     C6     sing N N 65  
C   C2     O2     doub N N 66  
C   C2     N3     sing N N 67  
C   N3     C4     doub N N 68  
C   C4     N4     sing N N 69  
C   C4     C5     sing N N 70  
C   N4     H41    sing N N 71  
C   N4     H42    sing N N 72  
C   C5     C6     doub N N 73  
C   C5     H5     sing N N 74  
C   C6     H6     sing N N 75  
G   OP3    P      sing N N 76  
G   OP3    HOP3   sing N N 77  
G   P      OP1    doub N N 78  
G   P      OP2    sing N N 79  
G   P      "O5'"  sing N N 80  
G   OP2    HOP2   sing N N 81  
G   "O5'"  "C5'"  sing N N 82  
G   "C5'"  "C4'"  sing N N 83  
G   "C5'"  "H5'"  sing N N 84  
G   "C5'"  "H5''" sing N N 85  
G   "C4'"  "O4'"  sing N N 86  
G   "C4'"  "C3'"  sing N N 87  
G   "C4'"  "H4'"  sing N N 88  
G   "O4'"  "C1'"  sing N N 89  
G   "C3'"  "O3'"  sing N N 90  
G   "C3'"  "C2'"  sing N N 91  
G   "C3'"  "H3'"  sing N N 92  
G   "O3'"  "HO3'" sing N N 93  
G   "C2'"  "O2'"  sing N N 94  
G   "C2'"  "C1'"  sing N N 95  
G   "C2'"  "H2'"  sing N N 96  
G   "O2'"  "HO2'" sing N N 97  
G   "C1'"  N9     sing N N 98  
G   "C1'"  "H1'"  sing N N 99  
G   N9     C8     sing Y N 100 
G   N9     C4     sing Y N 101 
G   C8     N7     doub Y N 102 
G   C8     H8     sing N N 103 
G   N7     C5     sing Y N 104 
G   C5     C6     sing N N 105 
G   C5     C4     doub Y N 106 
G   C6     O6     doub N N 107 
G   C6     N1     sing N N 108 
G   N1     C2     sing N N 109 
G   N1     H1     sing N N 110 
G   C2     N2     sing N N 111 
G   C2     N3     doub N N 112 
G   N2     H21    sing N N 113 
G   N2     H22    sing N N 114 
G   N3     C4     sing N N 115 
HOH O      H1     sing N N 116 
HOH O      H2     sing N N 117 
I   OP3    P      sing N N 118 
I   OP3    HOP3   sing N N 119 
I   P      OP1    doub N N 120 
I   P      OP2    sing N N 121 
I   P      "O5'"  sing N N 122 
I   OP2    HOP2   sing N N 123 
I   "O5'"  "C5'"  sing N N 124 
I   "C5'"  "C4'"  sing N N 125 
I   "C5'"  "H5'"  sing N N 126 
I   "C5'"  "H5''" sing N N 127 
I   "C4'"  "O4'"  sing N N 128 
I   "C4'"  "C3'"  sing N N 129 
I   "C4'"  "H4'"  sing N N 130 
I   "O4'"  "C1'"  sing N N 131 
I   "C3'"  "O3'"  sing N N 132 
I   "C3'"  "C2'"  sing N N 133 
I   "C3'"  "H3'"  sing N N 134 
I   "O3'"  "HO3'" sing N N 135 
I   "C2'"  "O2'"  sing N N 136 
I   "C2'"  "C1'"  sing N N 137 
I   "C2'"  "H2'"  sing N N 138 
I   "O2'"  "HO2'" sing N N 139 
I   "C1'"  N9     sing N N 140 
I   "C1'"  "H1'"  sing N N 141 
I   N9     C8     sing Y N 142 
I   N9     C4     sing Y N 143 
I   C8     N7     doub Y N 144 
I   C8     H8     sing N N 145 
I   N7     C5     sing Y N 146 
I   C5     C6     sing N N 147 
I   C5     C4     doub Y N 148 
I   C6     O6     doub N N 149 
I   C6     N1     sing N N 150 
I   N1     C2     sing N N 151 
I   N1     H1     sing N N 152 
I   C2     N3     doub N N 153 
I   C2     H2     sing N N 154 
I   N3     C4     sing N N 155 
RSP OP1    P      doub N N 156 
RSP OP3    P      sing N N 157 
RSP P      OP2    sing N N 158 
RSP P      "O5'"  sing N N 159 
RSP C6     N1     sing N N 160 
RSP N1     C2     sing N N 161 
RSP N1     "C1'"  sing N N 162 
RSP N3     C2     sing N N 163 
RSP C2     S2     doub N N 164 
RSP C4     N3     doub N N 165 
RSP N4     C4     sing N N 166 
RSP C5     C4     sing N N 167 
RSP HN4    N4     sing N N 168 
RSP N4     HN4A   sing N N 169 
RSP H5     C5     sing N N 170 
RSP C5     C6     doub N N 171 
RSP H6     C6     sing N N 172 
RSP "O4'"  "C1'"  sing N N 173 
RSP "C1'"  "H1'"  sing N N 174 
RSP "C1'"  "C2'"  sing N N 175 
RSP "C3'"  "C2'"  sing N N 176 
RSP "C2'"  "H2'"  sing N N 177 
RSP "C2'"  "O2'"  sing N N 178 
RSP "O2'"  "HO2'" sing N N 179 
RSP "C4'"  "C3'"  sing N N 180 
RSP "H3'"  "C3'"  sing N N 181 
RSP "C3'"  "O3'"  sing N N 182 
RSP "O3'"  "HO3'" sing N N 183 
RSP "C5'"  "C4'"  sing N N 184 
RSP "O4'"  "C4'"  sing N N 185 
RSP "C4'"  "H4'"  sing N N 186 
RSP "O5'"  "C5'"  sing N N 187 
RSP "H5'A" "C5'"  sing N N 188 
RSP "C5'"  "H5'"  sing N N 189 
RSP OP2    HOP2   sing N N 190 
RSP OP3    HOP3   sing N N 191 
U   OP3    P      sing N N 192 
U   OP3    HOP3   sing N N 193 
U   P      OP1    doub N N 194 
U   P      OP2    sing N N 195 
U   P      "O5'"  sing N N 196 
U   OP2    HOP2   sing N N 197 
U   "O5'"  "C5'"  sing N N 198 
U   "C5'"  "C4'"  sing N N 199 
U   "C5'"  "H5'"  sing N N 200 
U   "C5'"  "H5''" sing N N 201 
U   "C4'"  "O4'"  sing N N 202 
U   "C4'"  "C3'"  sing N N 203 
U   "C4'"  "H4'"  sing N N 204 
U   "O4'"  "C1'"  sing N N 205 
U   "C3'"  "O3'"  sing N N 206 
U   "C3'"  "C2'"  sing N N 207 
U   "C3'"  "H3'"  sing N N 208 
U   "O3'"  "HO3'" sing N N 209 
U   "C2'"  "O2'"  sing N N 210 
U   "C2'"  "C1'"  sing N N 211 
U   "C2'"  "H2'"  sing N N 212 
U   "O2'"  "HO2'" sing N N 213 
U   "C1'"  N1     sing N N 214 
U   "C1'"  "H1'"  sing N N 215 
U   N1     C2     sing N N 216 
U   N1     C6     sing N N 217 
U   C2     O2     doub N N 218 
U   C2     N3     sing N N 219 
U   N3     C4     sing N N 220 
U   N3     H3     sing N N 221 
U   C4     O4     doub N N 222 
U   C4     C5     sing N N 223 
U   C5     C6     doub N N 224 
U   C5     H5     sing N N 225 
U   C6     H6     sing N N 226 
# 
loop_
_ndb_struct_conf_na.entry_id 
_ndb_struct_conf_na.feature 
9CSQ 'a-form double helix'  
9CSQ 'mismatched base pair' 
# 
loop_
_ndb_struct_na_base_pair.model_number 
_ndb_struct_na_base_pair.i_label_asym_id 
_ndb_struct_na_base_pair.i_label_comp_id 
_ndb_struct_na_base_pair.i_label_seq_id 
_ndb_struct_na_base_pair.i_symmetry 
_ndb_struct_na_base_pair.j_label_asym_id 
_ndb_struct_na_base_pair.j_label_comp_id 
_ndb_struct_na_base_pair.j_label_seq_id 
_ndb_struct_na_base_pair.j_symmetry 
_ndb_struct_na_base_pair.shear 
_ndb_struct_na_base_pair.stretch 
_ndb_struct_na_base_pair.stagger 
_ndb_struct_na_base_pair.buckle 
_ndb_struct_na_base_pair.propeller 
_ndb_struct_na_base_pair.opening 
_ndb_struct_na_base_pair.pair_number 
_ndb_struct_na_base_pair.pair_name 
_ndb_struct_na_base_pair.i_auth_asym_id 
_ndb_struct_na_base_pair.i_auth_seq_id 
_ndb_struct_na_base_pair.i_PDB_ins_code 
_ndb_struct_na_base_pair.j_auth_asym_id 
_ndb_struct_na_base_pair.j_auth_seq_id 
_ndb_struct_na_base_pair.j_PDB_ins_code 
_ndb_struct_na_base_pair.hbond_type_28 
_ndb_struct_na_base_pair.hbond_type_12 
1 A A   1  1_555 A U   16 6_555 0.016  0.036  -0.032 -4.752 -9.419  -2.599 1  A_A1:U16_A   A 1  ? A 16 ? 20 1 
1 A I   2  1_555 A RSP 15 6_555 -0.306 -0.226 0.035  2.828  -11.951 -3.309 2  A_I2:RSP15_A A 2  ? A 15 ? 29 1 
1 A A   3  1_555 A U   14 6_555 0.056  -0.173 0.026  2.506  -13.321 3.055  3  A_A3:U14_A   A 3  ? A 14 ? 20 1 
1 A G   4  1_555 A C   13 6_555 -0.548 -0.197 -0.136 -3.671 -10.911 0.667  4  A_G4:C13_A   A 4  ? A 13 ? 19 1 
1 A A   5  1_555 A U   12 6_555 -0.038 -0.152 -0.088 -9.071 -5.731  1.254  5  A_A5:U12_A   A 5  ? A 12 ? 20 1 
1 A A   6  1_555 A U   11 6_555 0.244  -0.217 -0.104 -6.034 -9.626  -0.948 6  A_A6:U11_A   A 6  ? A 11 ? 20 1 
1 A G   7  1_555 A C   10 6_555 -0.118 -0.123 0.084  -6.415 -14.784 0.562  7  A_G7:C10_A   A 7  ? A 10 ? 19 1 
1 A A   8  1_555 A U   9  6_555 -0.084 -0.276 0.081  -0.940 -12.261 3.209  8  A_A8:U9_A    A 8  ? A 9  ? 20 1 
1 A U   9  1_555 A A   8  6_555 0.084  -0.276 0.081  0.940  -12.261 3.209  9  A_U9:A8_A    A 9  ? A 8  ? 20 1 
1 A C   10 1_555 A G   7  6_555 0.118  -0.123 0.084  6.415  -14.784 0.562  10 A_C10:G7_A   A 10 ? A 7  ? 19 1 
1 A U   11 1_555 A A   6  6_555 -0.244 -0.217 -0.104 6.034  -9.626  -0.948 11 A_U11:A6_A   A 11 ? A 6  ? 20 1 
1 A U   12 1_555 A A   5  6_555 0.038  -0.152 -0.088 9.071  -5.731  1.254  12 A_U12:A5_A   A 12 ? A 5  ? 20 1 
1 A C   13 1_555 A G   4  6_555 0.548  -0.197 -0.136 3.671  -10.911 0.667  13 A_C13:G4_A   A 13 ? A 4  ? 19 1 
1 A U   14 1_555 A A   3  6_555 -0.056 -0.173 0.026  -2.506 -13.321 3.055  14 A_U14:A3_A   A 14 ? A 3  ? 20 1 
1 A RSP 15 1_555 A I   2  6_555 0.306  -0.226 0.035  -2.828 -11.951 -3.309 15 A_RSP15:I2_A A 15 ? A 2  ? 29 1 
1 A U   16 1_555 A A   1  6_555 -0.016 0.036  -0.032 4.752  -9.419  -2.599 16 A_U16:A1_A   A 16 ? A 1  ? 20 1 
# 
loop_
_ndb_struct_na_base_pair_step.model_number 
_ndb_struct_na_base_pair_step.i_label_asym_id_1 
_ndb_struct_na_base_pair_step.i_label_comp_id_1 
_ndb_struct_na_base_pair_step.i_label_seq_id_1 
_ndb_struct_na_base_pair_step.i_symmetry_1 
_ndb_struct_na_base_pair_step.j_label_asym_id_1 
_ndb_struct_na_base_pair_step.j_label_comp_id_1 
_ndb_struct_na_base_pair_step.j_label_seq_id_1 
_ndb_struct_na_base_pair_step.j_symmetry_1 
_ndb_struct_na_base_pair_step.i_label_asym_id_2 
_ndb_struct_na_base_pair_step.i_label_comp_id_2 
_ndb_struct_na_base_pair_step.i_label_seq_id_2 
_ndb_struct_na_base_pair_step.i_symmetry_2 
_ndb_struct_na_base_pair_step.j_label_asym_id_2 
_ndb_struct_na_base_pair_step.j_label_comp_id_2 
_ndb_struct_na_base_pair_step.j_label_seq_id_2 
_ndb_struct_na_base_pair_step.j_symmetry_2 
_ndb_struct_na_base_pair_step.shift 
_ndb_struct_na_base_pair_step.slide 
_ndb_struct_na_base_pair_step.rise 
_ndb_struct_na_base_pair_step.tilt 
_ndb_struct_na_base_pair_step.roll 
_ndb_struct_na_base_pair_step.twist 
_ndb_struct_na_base_pair_step.x_displacement 
_ndb_struct_na_base_pair_step.y_displacement 
_ndb_struct_na_base_pair_step.helical_rise 
_ndb_struct_na_base_pair_step.inclination 
_ndb_struct_na_base_pair_step.tip 
_ndb_struct_na_base_pair_step.helical_twist 
_ndb_struct_na_base_pair_step.step_number 
_ndb_struct_na_base_pair_step.step_name 
_ndb_struct_na_base_pair_step.i_auth_asym_id_1 
_ndb_struct_na_base_pair_step.i_auth_seq_id_1 
_ndb_struct_na_base_pair_step.i_PDB_ins_code_1 
_ndb_struct_na_base_pair_step.j_auth_asym_id_1 
_ndb_struct_na_base_pair_step.j_auth_seq_id_1 
_ndb_struct_na_base_pair_step.j_PDB_ins_code_1 
_ndb_struct_na_base_pair_step.i_auth_asym_id_2 
_ndb_struct_na_base_pair_step.i_auth_seq_id_2 
_ndb_struct_na_base_pair_step.i_PDB_ins_code_2 
_ndb_struct_na_base_pair_step.j_auth_asym_id_2 
_ndb_struct_na_base_pair_step.j_auth_seq_id_2 
_ndb_struct_na_base_pair_step.j_PDB_ins_code_2 
1 A A   1  1_555 A U   16 6_555 A I   2  1_555 A RSP 15 6_555 -0.423 -1.156 3.015 -0.725 1.998  30.804 -2.525 0.667  2.945 3.756  
1.363  30.875 1  AA_A1I2:RSP15U16_AA A 1  ? A 16 ? A 2  ? A 15 ? 
1 A I   2  1_555 A RSP 15 6_555 A A   3  1_555 A U   14 6_555 0.619  -1.116 3.234 -0.678 7.788  34.780 -2.901 -1.105 2.912 12.829 
1.117  35.621 2  AA_I2A3:U14RSP15_AA A 2  ? A 15 ? A 3  ? A 14 ? 
1 A A   3  1_555 A U   14 6_555 A G   4  1_555 A C   13 6_555 -0.328 -1.690 3.252 -0.968 12.251 30.820 -4.826 0.428  2.431 21.987 
1.737  33.125 3  AA_A3G4:C13U14_AA   A 3  ? A 14 ? A 4  ? A 13 ? 
1 A G   4  1_555 A C   13 6_555 A A   5  1_555 A U   12 6_555 -0.004 -1.739 3.303 -1.693 13.957 32.144 -4.795 -0.224 2.366 23.834 
2.890  35.010 4  AA_G4A5:U12C13_AA   A 4  ? A 13 ? A 5  ? A 12 ? 
1 A A   5  1_555 A U   12 6_555 A A   6  1_555 A U   11 6_555 0.155  -1.529 3.190 2.234  8.896  32.767 -3.920 0.062  2.699 15.397 
-3.867 33.992 5  AA_A5A6:U11U12_AA   A 5  ? A 12 ? A 6  ? A 11 ? 
1 A A   6  1_555 A U   11 6_555 A G   7  1_555 A C   10 6_555 0.468  -2.010 3.135 1.565  9.074  28.283 -5.575 -0.626 2.410 17.976 
-3.101 29.715 6  AA_A6G7:C10U11_AA   A 6  ? A 11 ? A 7  ? A 10 ? 
1 A G   7  1_555 A C   10 6_555 A A   8  1_555 A U   9  6_555 -0.279 -1.604 3.088 -0.779 5.600  30.882 -3.915 0.383  2.768 10.408 
1.447  31.383 7  AA_G7A8:U9C10_AA    A 7  ? A 10 ? A 8  ? A 9  ? 
1 A A   8  1_555 A U   9  6_555 A U   9  1_555 A A   8  6_555 0.000  -1.069 3.105 0.000  8.089  31.773 -3.164 0.000  2.756 14.484 
0.000  32.761 8  AA_A8U9:A8U9_AA     A 8  ? A 9  ? A 9  ? A 8  ? 
1 A U   9  1_555 A A   8  6_555 A C   10 1_555 A G   7  6_555 0.279  -1.604 3.088 0.779  5.600  30.882 -3.915 -0.383 2.768 10.408 
-1.447 31.383 9  AA_U9C10:G7A8_AA    A 9  ? A 8  ? A 10 ? A 7  ? 
1 A C   10 1_555 A G   7  6_555 A U   11 1_555 A A   6  6_555 -0.468 -2.010 3.135 -1.565 9.074  28.283 -5.575 0.626  2.410 17.976 
3.101  29.715 10 AA_C10U11:A6G7_AA   A 10 ? A 7  ? A 11 ? A 6  ? 
1 A U   11 1_555 A A   6  6_555 A U   12 1_555 A A   5  6_555 -0.155 -1.529 3.190 -2.234 8.896  32.767 -3.920 -0.062 2.699 15.397 
3.867  33.992 11 AA_U11U12:A5A6_AA   A 11 ? A 6  ? A 12 ? A 5  ? 
1 A U   12 1_555 A A   5  6_555 A C   13 1_555 A G   4  6_555 0.004  -1.739 3.303 1.693  13.957 32.144 -4.795 0.224  2.366 23.834 
-2.890 35.010 12 AA_U12C13:G4A5_AA   A 12 ? A 5  ? A 13 ? A 4  ? 
1 A C   13 1_555 A G   4  6_555 A U   14 1_555 A A   3  6_555 0.328  -1.690 3.252 0.968  12.251 30.820 -4.826 -0.428 2.431 21.987 
-1.737 33.125 13 AA_C13U14:A3G4_AA   A 13 ? A 4  ? A 14 ? A 3  ? 
1 A U   14 1_555 A A   3  6_555 A RSP 15 1_555 A I   2  6_555 -0.619 -1.116 3.234 0.678  7.788  34.780 -2.901 1.105  2.912 12.829 
-1.117 35.621 14 AA_U14RSP15:I2A3_AA A 14 ? A 3  ? A 15 ? A 2  ? 
1 A RSP 15 1_555 A I   2  6_555 A U   16 1_555 A A   1  6_555 0.423  -1.156 3.015 0.725  1.998  30.804 -2.525 -0.667 2.945 3.756  
-1.363 30.875 15 AA_RSP15U16:A1I2_AA A 15 ? A 2  ? A 16 ? A 1  ? 
# 
loop_
_pdbx_audit_support.funding_organization 
_pdbx_audit_support.country 
_pdbx_audit_support.grant_number 
_pdbx_audit_support.ordinal 
'National Science Foundation (NSF, United States)' 'United States' 2104708 1 
'Howard Hughes Medical Institute (HHMI)'           'United States' ?       2 
# 
_pdbx_initial_refinement_model.id               1 
_pdbx_initial_refinement_model.entity_id_list   ? 
_pdbx_initial_refinement_model.type             'experimental model' 
_pdbx_initial_refinement_model.source_name      PDB 
_pdbx_initial_refinement_model.accession_code   3ND4 
_pdbx_initial_refinement_model.details          ? 
# 
_space_group.name_H-M_alt     'R 3 2 :H' 
_space_group.name_Hall        
;R 3 2"
;
_space_group.IT_number        155 
_space_group.crystal_system   trigonal 
_space_group.id               1 
# 
_atom_sites.entry_id                    9CSQ 
_atom_sites.Cartn_transf_matrix[1][1]   ? 
_atom_sites.Cartn_transf_matrix[1][2]   ? 
_atom_sites.Cartn_transf_matrix[1][3]   ? 
_atom_sites.Cartn_transf_matrix[2][1]   ? 
_atom_sites.Cartn_transf_matrix[2][2]   ? 
_atom_sites.Cartn_transf_matrix[2][3]   ? 
_atom_sites.Cartn_transf_matrix[3][1]   ? 
_atom_sites.Cartn_transf_matrix[3][2]   ? 
_atom_sites.Cartn_transf_matrix[3][3]   ? 
_atom_sites.Cartn_transf_vector[1]      ? 
_atom_sites.Cartn_transf_vector[2]      ? 
_atom_sites.Cartn_transf_vector[3]      ? 
_atom_sites.Cartn_transform_axes        ? 
_atom_sites.fract_transf_matrix[1][1]   -0.02051643 
_atom_sites.fract_transf_matrix[1][2]   -0.01662187 
_atom_sites.fract_transf_matrix[1][3]   -0.00324065 
_atom_sites.fract_transf_matrix[2][1]   0.00375046 
_atom_sites.fract_transf_matrix[2][2]   -0.02627374 
_atom_sites.fract_transf_matrix[2][3]   0.00182870 
_atom_sites.fract_transf_matrix[3][1]   -0.00153091 
_atom_sites.fract_transf_matrix[3][2]   0.00033608 
_atom_sites.fract_transf_matrix[3][3]   0.00796831 
_atom_sites.fract_transf_vector[1]      -0.026277 
_atom_sites.fract_transf_vector[2]      -0.433557 
_atom_sites.fract_transf_vector[3]      0.014450 
_atom_sites.solution_primary            ? 
_atom_sites.solution_secondary          ? 
_atom_sites.solution_hydrogens          ? 
_atom_sites.special_details             ? 
# 
loop_
_atom_type.symbol 
_atom_type.scat_dispersion_real 
_atom_type.scat_dispersion_imag 
_atom_type.scat_Cromer_Mann_a1 
_atom_type.scat_Cromer_Mann_a2 
_atom_type.scat_Cromer_Mann_a3 
_atom_type.scat_Cromer_Mann_a4 
_atom_type.scat_Cromer_Mann_b1 
_atom_type.scat_Cromer_Mann_b2 
_atom_type.scat_Cromer_Mann_b3 
_atom_type.scat_Cromer_Mann_b4 
_atom_type.scat_Cromer_Mann_c 
_atom_type.scat_source 
_atom_type.scat_dispersion_source 
C ? ? 3.54356 2.42580 ? ? 25.62398 1.50364  ? ? 0.0 
;2-Gaussian fit: Grosse-Kunstleve RW, Sauter NK, Adams PD: Newsletter of the IUCr Commission on Crystallographic Computing 2004, 3, 22-31.
;
? 
N ? ? 4.01032 2.96436 ? ? 19.97189 1.75589  ? ? 0.0 
;2-Gaussian fit: Grosse-Kunstleve RW, Sauter NK, Adams PD: Newsletter of the IUCr Commission on Crystallographic Computing 2004, 3, 22-31.
;
? 
O ? ? 4.49882 3.47563 ? ? 15.80542 1.70748  ? ? 0.0 
;2-Gaussian fit: Grosse-Kunstleve RW, Sauter NK, Adams PD: Newsletter of the IUCr Commission on Crystallographic Computing 2004, 3, 22-31.
;
? 
P ? ? 9.51135 5.44231 ? ? 1.42069  35.72801 ? ? 0.0 
;2-Gaussian fit: Grosse-Kunstleve RW, Sauter NK, Adams PD: Newsletter of the IUCr Commission on Crystallographic Computing 2004, 3, 22-31.
;
? 
S ? ? 9.55732 6.39887 ? ? 1.23737  29.19336 ? ? 0.0 
;2-Gaussian fit: Grosse-Kunstleve RW, Sauter NK, Adams PD: Newsletter of the IUCr Commission on Crystallographic Computing 2004, 3, 22-31.
;
? 
# 
loop_
_atom_site.group_PDB 
_atom_site.id 
_atom_site.type_symbol 
_atom_site.label_atom_id 
_atom_site.label_alt_id 
_atom_site.label_comp_id 
_atom_site.label_asym_id 
_atom_site.label_entity_id 
_atom_site.label_seq_id 
_atom_site.pdbx_PDB_ins_code 
_atom_site.Cartn_x 
_atom_site.Cartn_y 
_atom_site.Cartn_z 
_atom_site.occupancy 
_atom_site.B_iso_or_equiv 
_atom_site.pdbx_formal_charge 
_atom_site.auth_seq_id 
_atom_site.auth_comp_id 
_atom_site.auth_asym_id 
_atom_site.auth_atom_id 
_atom_site.pdbx_PDB_model_num 
ATOM   1   O "O5'" . A   A 1 1  ? 9.815   -3.290  -15.650 1.000 39.307 0 1   A   A "O5'" 1 
ATOM   2   C "C5'" . A   A 1 1  ? 11.001  -2.508  -15.408 1.000 36.632 0 1   A   A "C5'" 1 
ATOM   3   C "C4'" . A   A 1 1  ? 10.863  -1.134  -16.031 1.000 33.423 0 1   A   A "C4'" 1 
ATOM   4   O "O4'" . A   A 1 1  ? 10.757  -1.222  -17.466 1.000 34.332 0 1   A   A "O4'" 1 
ATOM   5   C "C3'" . A   A 1 1  ? 9.651   -0.279  -15.633 1.000 32.324 0 1   A   A "C3'" 1 
ATOM   6   O "O3'" . A   A 1 1  ? 9.932   0.353   -14.397 1.000 35.408 0 1   A   A "O3'" 1 
ATOM   7   C "C2'" . A   A 1 1  ? 9.659   0.723   -16.784 1.000 33.161 0 1   A   A "C2'" 1 
ATOM   8   O "O2'" . A   A 1 1  ? 10.736  1.638   -16.720 1.000 36.402 0 1   A   A "O2'" 1 
ATOM   9   C "C1'" . A   A 1 1  ? 9.884   -0.232  -17.949 1.000 35.273 0 1   A   A "C1'" 1 
ATOM   10  N N9    . A   A 1 1  ? 8.698   -0.925  -18.453 1.000 32.054 0 1   A   A N9    1 
ATOM   11  C C8    . A   A 1 1  ? 8.397   -2.262  -18.326 1.000 35.895 0 1   A   A C8    1 
ATOM   12  N N7    . A   A 1 1  ? 7.283   -2.599  -18.924 1.000 34.847 0 1   A   A N7    1 
ATOM   13  C C5    . A   A 1 1  ? 6.809   -1.409  -19.468 1.000 30.943 0 1   A   A C5    1 
ATOM   14  C C6    . A   A 1 1  ? 5.661   -1.097  -20.207 1.000 28.642 0 1   A   A C6    1 
ATOM   15  N N6    . A   A 1 1  ? 4.744   -1.987  -20.583 1.000 28.434 0 1   A   A N6    1 
ATOM   16  N N1    . A   A 1 1  ? 5.492   0.183   -20.612 1.000 28.901 0 1   A   A N1    1 
ATOM   17  C C2    . A   A 1 1  ? 6.417   1.081   -20.266 1.000 31.772 0 1   A   A C2    1 
ATOM   18  N N3    . A   A 1 1  ? 7.519   0.913   -19.535 1.000 36.772 0 1   A   A N3    1 
ATOM   19  C C4    . A   A 1 1  ? 7.676   -0.374  -19.184 1.000 32.380 0 1   A   A C4    1 
ATOM   20  P P     . I   A 1 2  ? 8.772   0.672   -13.342 1.000 36.944 0 2   I   A P     1 
ATOM   21  O OP1   . I   A 1 2  ? 9.580   0.906   -12.116 1.000 45.166 0 2   I   A OP1   1 
ATOM   22  O OP2   . I   A 1 2  ? 7.877   -0.515  -13.397 1.000 43.633 0 2   I   A OP2   1 
ATOM   23  O "O5'" . I   A 1 2  ? 8.114   1.992   -13.951 1.000 39.714 0 2   I   A "O5'" 1 
ATOM   24  C "C5'" . I   A 1 2  ? 8.827   3.134   -14.232 1.000 36.068 0 2   I   A "C5'" 1 
ATOM   25  C "C4'" . I   A 1 2  ? 8.009   4.085   -15.112 1.000 34.528 0 2   I   A "C4'" 1 
ATOM   26  O "O4'" . I   A 1 2  ? 7.793   3.590   -16.287 1.000 35.061 0 2   I   A "O4'" 1 
ATOM   27  C "C3'" . I   A 1 2  ? 6.576   4.288   -14.531 1.000 33.764 0 2   I   A "C3'" 1 
ATOM   28  O "O3'" . I   A 1 2  ? 6.582   5.210   -13.456 1.000 37.993 0 2   I   A "O3'" 1 
ATOM   29  C "C2'" . I   A 1 2  ? 5.869   4.796   -15.746 1.000 37.663 0 2   I   A "C2'" 1 
ATOM   30  O "O2'" . I   A 1 2  ? 6.314   6.153   -16.122 1.000 42.114 0 2   I   A "O2'" 1 
ATOM   31  C "C1'" . I   A 1 2  ? 6.471   3.845   -16.748 1.000 35.775 0 2   I   A "C1'" 1 
ATOM   32  N N9    . I   A 1 2  ? 5.833   2.601   -16.877 1.000 32.885 0 2   I   A N9    1 
ATOM   33  C C8    . I   A 1 2  ? 6.138   1.395   -16.326 1.000 31.238 0 2   I   A C8    1 
ATOM   34  N N7    . I   A 1 2  ? 5.258   0.459   -16.753 1.000 30.105 0 2   I   A N7    1 
ATOM   35  C C5    . I   A 1 2  ? 4.411   1.105   -17.556 1.000 30.281 0 2   I   A C5    1 
ATOM   36  C C6    . I   A 1 2  ? 3.292   0.631   -18.278 1.000 27.535 0 2   I   A C6    1 
ATOM   37  O O6    . I   A 1 2  ? 2.900   -0.580  -18.346 1.000 28.762 0 2   I   A O6    1 
ATOM   38  N N1    . I   A 1 2  ? 2.573   1.587   -19.031 1.000 28.095 0 2   I   A N1    1 
ATOM   39  C C2    . I   A 1 2  ? 2.989   2.944   -19.067 1.000 27.733 0 2   I   A C2    1 
ATOM   40  N N3    . I   A 1 2  ? 4.120   3.377   -18.313 1.000 32.688 0 2   I   A N3    1 
ATOM   41  C C4    . I   A 1 2  ? 4.759   2.442   -17.587 1.000 32.906 0 2   I   A C4    1 
ATOM   42  P P     . A   A 1 3  ? 5.596   4.983   -12.217 1.000 38.016 0 3   A   A P     1 
ATOM   43  O OP1   . A   A 1 3  ? 5.858   5.933   -11.094 1.000 38.223 0 3   A   A OP1   1 
ATOM   44  O OP2   . A   A 1 3  ? 5.603   3.538   -11.838 1.000 42.128 0 3   A   A OP2   1 
ATOM   45  O "O5'" . A   A 1 3  ? 4.169   5.332   -12.854 1.000 37.912 0 3   A   A "O5'" 1 
ATOM   46  C "C5'" . A   A 1 3  ? 4.001   6.633   -13.450 1.000 36.691 0 3   A   A "C5'" 1 
ATOM   47  C "C4'" . A   A 1 3  ? 2.730   6.644   -14.255 1.000 34.299 0 3   A   A "C4'" 1 
ATOM   48  O "O4'" . A   A 1 3  ? 2.888   5.851   -15.455 1.000 35.465 0 3   A   A "O4'" 1 
ATOM   49  C "C3'" . A   A 1 3  ? 1.483   6.044   -13.600 1.000 37.623 0 3   A   A "C3'" 1 
ATOM   50  O "O3'" . A   A 1 3  ? 0.835   6.982   -12.764 1.000 40.750 0 3   A   A "O3'" 1 
ATOM   51  C "C2'" . A   A 1 3  ? 0.619   5.829   -14.832 1.000 34.582 0 3   A   A "C2'" 1 
ATOM   52  O "O2'" . A   A 1 3  ? 0.202   7.036   -15.412 1.000 37.729 0 3   A   A "O2'" 1 
ATOM   53  C "C1'" . A   A 1 3  ? 1.656   5.212   -15.761 1.000 33.701 0 3   A   A "C1'" 1 
ATOM   54  N N9    . A   A 1 3  ? 1.793   3.774   -15.571 1.000 32.797 0 3   A   A N9    1 
ATOM   55  C C8    . A   A 1 3  ? 2.752   3.096   -14.862 1.000 31.689 0 3   A   A C8    1 
ATOM   56  N N7    . A   A 1 3  ? 2.593   1.796   -14.864 1.000 31.258 0 3   A   A N7    1 
ATOM   57  C C5    . A   A 1 3  ? 1.484   1.593   -15.654 1.000 29.679 0 3   A   A C5    1 
ATOM   58  C C6    . A   A 1 3  ? 0.838   0.423   -16.100 1.000 28.047 0 3   A   A C6    1 
ATOM   59  N N6    . A   A 1 3  ? 1.236   -0.804  -15.766 1.000 29.451 0 3   A   A N6    1 
ATOM   60  N N1    . A   A 1 3  ? -0.260  0.590   -16.871 1.000 28.887 0 3   A   A N1    1 
ATOM   61  C C2    . A   A 1 3  ? -0.636  1.823   -17.240 1.000 30.319 0 3   A   A C2    1 
ATOM   62  N N3    . A   A 1 3  ? -0.098  2.988   -16.902 1.000 33.247 0 3   A   A N3    1 
ATOM   63  C C4    . A   A 1 3  ? 0.967   2.805   -16.100 1.000 30.894 0 3   A   A C4    1 
ATOM   64  P P     . G   A 1 4  ? 0.001   6.481   -11.488 1.000 37.143 0 4   G   A P     1 
ATOM   65  O OP1   . G   A 1 4  ? -0.343  7.758   -10.778 1.000 45.400 0 4   G   A OP1   1 
ATOM   66  O OP2   . G   A 1 4  ? 0.622   5.393   -10.699 1.000 36.700 0 4   G   A OP2   1 
ATOM   67  O "O5'" . G   A 1 4  ? -1.404  5.943   -12.077 1.000 38.262 0 4   G   A "O5'" 1 
ATOM   68  C "C5'" . G   A 1 4  ? -2.274  6.842   -12.817 1.000 34.965 0 4   G   A "C5'" 1 
ATOM   69  C "C4'" . G   A 1 4  ? -3.461  6.079   -13.356 1.000 39.674 0 4   G   A "C4'" 1 
ATOM   70  O "O4'" . G   A 1 4  ? -3.068  5.327   -14.532 1.000 40.904 0 4   G   A "O4'" 1 
ATOM   71  C "C3'" . G   A 1 4  ? -4.122  5.023   -12.463 1.000 39.709 0 4   G   A "C3'" 1 
ATOM   72  O "O3'" . G   A 1 4  ? -4.986  5.627   -11.513 1.000 40.245 0 4   G   A "O3'" 1 
ATOM   73  C "C2'" . G   A 1 4  ? -4.908  4.266   -13.539 1.000 37.420 0 4   G   A "C2'" 1 
ATOM   74  O "O2'" . G   A 1 4  ? -5.999  4.992   -14.071 1.000 41.748 0 4   G   A "O2'" 1 
ATOM   75  C "C1'" . G   A 1 4  ? -3.816  4.130   -14.588 1.000 36.956 0 4   G   A "C1'" 1 
ATOM   76  N N9    . G   A 1 4  ? -2.924  3.020   -14.309 1.000 36.581 0 4   G   A N9    1 
ATOM   77  C C8    . G   A 1 4  ? -1.682  3.042   -13.736 1.000 31.170 0 4   G   A C8    1 
ATOM   78  N N7    . G   A 1 4  ? -1.147  1.851   -13.580 1.000 36.952 0 4   G   A N7    1 
ATOM   79  C C5    . G   A 1 4  ? -2.129  0.995   -14.068 1.000 29.036 0 4   G   A C5    1 
ATOM   80  C C6    . G   A 1 4  ? -2.101  -0.409  -14.205 1.000 30.962 0 4   G   A C6    1 
ATOM   81  O O6    . G   A 1 4  ? -1.215  -1.175  -13.832 1.000 32.279 0 4   G   A O6    1 
ATOM   82  N N1    . G   A 1 4  ? -3.299  -0.885  -14.752 1.000 29.939 0 4   G   A N1    1 
ATOM   83  C C2    . G   A 1 4  ? -4.348  -0.102  -15.172 1.000 34.758 0 4   G   A C2    1 
ATOM   84  N N2    . G   A 1 4  ? -5.414  -0.722  -15.685 1.000 38.295 0 4   G   A N2    1 
ATOM   85  N N3    . G   A 1 4  ? -4.362  1.233   -15.092 1.000 38.549 0 4   G   A N3    1 
ATOM   86  C C4    . G   A 1 4  ? -3.217  1.697   -14.529 1.000 33.709 0 4   G   A C4    1 
ATOM   87  P P     . A   A 1 5  ? -5.124  5.064   -10.024 1.000 40.743 0 5   A   A P     1 
ATOM   88  O OP1   . A   A 1 5  ? -5.947  6.025   -9.226  1.000 49.966 0 5   A   A OP1   1 
ATOM   89  O OP2   . A   A 1 5  ? -3.845  4.552   -9.454  1.000 40.605 0 5   A   A OP2   1 
ATOM   90  O "O5'" . A   A 1 5  ? -5.965  3.732   -10.309 1.000 46.275 0 5   A   A "O5'" 1 
ATOM   91  C "C5'" . A   A 1 5  ? -7.274  3.884   -10.939 1.000 42.589 0 5   A   A "C5'" 1 
ATOM   92  C "C4'" . A   A 1 5  ? -7.895  2.527   -11.147 1.000 36.710 0 5   A   A "C4'" 1 
ATOM   93  O "O4'" . A   A 1 5  ? -7.208  1.838   -12.229 1.000 32.199 0 5   A   A "O4'" 1 
ATOM   94  C "C3'" . A   A 1 5  ? -7.795  1.558   -9.964  1.000 37.864 0 5   A   A "C3'" 1 
ATOM   95  O "O3'" . A   A 1 5  ? -8.705  1.775   -8.885  1.000 39.406 0 5   A   A "O3'" 1 
ATOM   96  C "C2'" . A   A 1 5  ? -7.982  0.217   -10.672 1.000 36.482 0 5   A   A "C2'" 1 
ATOM   97  O "O2'" . A   A 1 5  ? -9.318  -0.078  -10.993 1.000 36.459 0 5   A   A "O2'" 1 
ATOM   98  C "C1'" . A   A 1 5  ? -7.190  0.452   -11.953 1.000 31.833 0 5   A   A "C1'" 1 
ATOM   99  N N9    . A   A 1 5  ? -5.807  0.028   -11.819 1.000 32.613 0 5   A   A N9    1 
ATOM   100 C C8    . A   A 1 5  ? -4.710  0.816   -11.587 1.000 32.509 0 5   A   A C8    1 
ATOM   101 N N7    . A   A 1 5  ? -3.625  0.123   -11.378 1.000 34.060 0 5   A   A N7    1 
ATOM   102 C C5    . A   A 1 5  ? -4.024  -1.196  -11.509 1.000 31.361 0 5   A   A C5    1 
ATOM   103 C C6    . A   A 1 5  ? -3.313  -2.399  -11.465 1.000 34.091 0 5   A   A C6    1 
ATOM   104 N N6    . A   A 1 5  ? -2.007  -2.458  -11.244 1.000 36.259 0 5   A   A N6    1 
ATOM   105 N N1    . A   A 1 5  ? -4.016  -3.541  -11.609 1.000 33.281 0 5   A   A N1    1 
ATOM   106 C C2    . A   A 1 5  ? -5.337  -3.466  -11.805 1.000 35.116 0 5   A   A C2    1 
ATOM   107 N N3    . A   A 1 5  ? -6.103  -2.378  -11.904 1.000 33.177 0 5   A   A N3    1 
ATOM   108 C C4    . A   A 1 5  ? -5.372  -1.273  -11.747 1.000 32.977 0 5   A   A C4    1 
ATOM   109 P P     . A   A 1 6  ? -8.218  1.469   -7.389  1.000 37.513 0 6   A   A P     1 
ATOM   110 O OP1   . A   A 1 6  ? -9.305  2.061   -6.554  1.000 51.794 0 6   A   A OP1   1 
ATOM   111 O OP2   . A   A 1 6  ? -6.824  1.857   -7.094  1.000 39.880 0 6   A   A OP2   1 
ATOM   112 O "O5'" . A   A 1 6  ? -8.424  -0.100  -7.213  1.000 40.876 0 6   A   A "O5'" 1 
ATOM   113 C "C5'" . A   A 1 6  ? -9.653  -0.665  -7.641  1.000 40.858 0 6   A   A "C5'" 1 
ATOM   114 C "C4'" . A   A 1 6  ? -9.495  -2.156  -7.739  1.000 45.636 0 6   A   A "C4'" 1 
ATOM   115 O "O4'" . A   A 1 6  ? -8.605  -2.494  -8.829  1.000 39.198 0 6   A   A "O4'" 1 
ATOM   116 C "C3'" . A   A 1 6  ? -8.849  -2.833  -6.535  1.000 46.336 0 6   A   A "C3'" 1 
ATOM   117 O "O3'" . A   A 1 6  ? -9.816  -3.082  -5.537  1.000 51.422 0 6   A   A "O3'" 1 
ATOM   118 C "C2'" . A   A 1 6  ? -8.398  -4.149  -7.160  1.000 42.675 0 6   A   A "C2'" 1 
ATOM   119 O "O2'" . A   A 1 6  ? -9.484  -5.039  -7.280  1.000 39.757 0 6   A   A "O2'" 1 
ATOM   120 C "C1'" . A   A 1 6  ? -7.841  -3.634  -8.486  1.000 37.697 0 6   A   A "C1'" 1 
ATOM   121 N N9    . A   A 1 6  ? -6.436  -3.246  -8.395  1.000 32.040 0 6   A   A N9    1 
ATOM   122 C C8    . A   A 1 6  ? -5.911  -1.982  -8.291  1.000 31.974 0 6   A   A C8    1 
ATOM   123 N N7    . A   A 1 6  ? -4.598  -1.956  -8.231  1.000 32.179 0 6   A   A N7    1 
ATOM   124 C C5    . A   A 1 6  ? -4.247  -3.303  -8.314  1.000 30.845 0 6   A   A C5    1 
ATOM   125 C C6    . A   A 1 6  ? -3.001  -3.946  -8.320  1.000 31.385 0 6   A   A C6    1 
ATOM   126 N N6    . A   A 1 6  ? -1.839  -3.311  -8.208  1.000 33.394 0 6   A   A N6    1 
ATOM   127 N N1    . A   A 1 6  ? -3.012  -5.299  -8.368  1.000 30.441 0 6   A   A N1    1 
ATOM   128 C C2    . A   A 1 6  ? -4.175  -5.930  -8.509  1.000 31.790 0 6   A   A C2    1 
ATOM   129 N N3    . A   A 1 6  ? -5.403  -5.434  -8.503  1.000 35.242 0 6   A   A N3    1 
ATOM   130 C C4    . A   A 1 6  ? -5.365  -4.099  -8.413  1.000 34.001 0 6   A   A C4    1 
ATOM   131 P P     . G   A 1 7  ? -9.332  -3.230  -4.022  1.000 52.188 0 7   G   A P     1 
ATOM   132 O OP1   . G   A 1 7  ? -10.601 -3.298  -3.236  1.000 66.128 0 7   G   A OP1   1 
ATOM   133 O OP2   . G   A 1 7  ? -8.269  -2.240  -3.727  1.000 39.801 0 7   G   A OP2   1 
ATOM   134 O "O5'" . G   A 1 7  ? -8.315  -4.453  -3.828  1.000 45.843 0 7   G   A "O5'" 1 
ATOM   135 C "C5'" . G   A 1 7  ? -8.825  -5.782  -3.765  1.000 39.859 0 7   G   A "C5'" 1 
ATOM   136 C "C4'" . G   A 1 7  ? -7.697  -6.755  -3.961  1.000 39.624 0 7   G   A "C4'" 1 
ATOM   137 O "O4'" . G   A 1 7  ? -6.917  -6.430  -5.136  1.000 37.612 0 7   G   A "O4'" 1 
ATOM   138 C "C3'" . G   A 1 7  ? -6.604  -6.837  -2.897  1.000 39.092 0 7   G   A "C3'" 1 
ATOM   139 O "O3'" . G   A 1 7  ? -7.114  -7.483  -1.757  1.000 37.471 0 7   G   A "O3'" 1 
ATOM   140 C "C2'" . G   A 1 7  ? -5.646  -7.749  -3.652  1.000 33.663 0 7   G   A "C2'" 1 
ATOM   141 O "O2'" . G   A 1 7  ? -6.152  -9.063  -3.752  1.000 35.824 0 7   G   A "O2'" 1 
ATOM   142 C "C1'" . G   A 1 7  ? -5.651  -7.027  -4.989  1.000 32.768 0 7   G   A "C1'" 1 
ATOM   143 N N9    . G   A 1 7  ? -4.650  -5.988  -5.026  1.000 32.768 0 7   G   A N9    1 
ATOM   144 C C8    . G   A 1 7  ? -4.818  -4.632  -4.983  1.000 33.535 0 7   G   A C8    1 
ATOM   145 N N7    . G   A 1 7  ? -3.679  -3.977  -5.042  1.000 30.883 0 7   G   A N7    1 
ATOM   146 C C5    . G   A 1 7  ? -2.706  -4.966  -5.106  1.000 30.970 0 7   G   A C5    1 
ATOM   147 C C6    . G   A 1 7  ? -1.294  -4.869  -5.212  1.000 33.271 0 7   G   A C6    1 
ATOM   148 O O6    . G   A 1 7  ? -0.575  -3.866  -5.254  1.000 35.168 0 7   G   A O6    1 
ATOM   149 N N1    . G   A 1 7  ? -0.715  -6.128  -5.298  1.000 31.973 0 7   G   A N1    1 
ATOM   150 C C2    . G   A 1 7  ? -1.378  -7.320  -5.247  1.000 30.578 0 7   G   A C2    1 
ATOM   151 N N2    . G   A 1 7  ? -0.632  -8.421  -5.343  1.000 33.955 0 7   G   A N2    1 
ATOM   152 N N3    . G   A 1 7  ? -2.710  -7.423  -5.173  1.000 33.106 0 7   G   A N3    1 
ATOM   153 C C4    . G   A 1 7  ? -3.297  -6.209  -5.122  1.000 33.010 0 7   G   A C4    1 
ATOM   154 P P     . A   A 1 8  ? -6.438  -7.308  -0.302  1.000 39.758 0 8   A   A P     1 
ATOM   155 O OP1   . A   A 1 8  ? -7.415  -7.949  0.628   1.000 43.101 0 8   A   A OP1   1 
ATOM   156 O OP2   . A   A 1 8  ? -6.006  -5.899  -0.107  1.000 37.479 0 8   A   A OP2   1 
ATOM   157 O "O5'" . A   A 1 8  ? -5.114  -8.169  -0.429  1.000 38.862 0 8   A   A "O5'" 1 
ATOM   158 C "C5'" . A   A 1 8  ? -5.223  -9.589  -0.528  1.000 37.866 0 8   A   A "C5'" 1 
ATOM   159 C "C4'" . A   A 1 8  ? -3.832  -10.138 -0.648  1.000 42.486 0 8   A   A "C4'" 1 
ATOM   160 O "O4'" . A   A 1 8  ? -3.186  -9.597  -1.824  1.000 37.232 0 8   A   A "O4'" 1 
ATOM   161 C "C3'" . A   A 1 8  ? -2.872  -9.739  0.479   1.000 43.246 0 8   A   A "C3'" 1 
ATOM   162 O "O3'" . A   A 1 8  ? -3.061  -10.549 1.625   1.000 47.368 0 8   A   A "O3'" 1 
ATOM   163 C "C2'" . A   A 1 8  ? -1.548  -10.036 -0.208  1.000 38.677 0 8   A   A "C2'" 1 
ATOM   164 O "O2'" . A   A 1 8  ? -1.304  -11.416 -0.330  1.000 41.871 0 8   A   A "O2'" 1 
ATOM   165 C "C1'" . A   A 1 8  ? -1.806  -9.427  -1.574  1.000 37.105 0 8   A   A "C1'" 1 
ATOM   166 N N9    . A   A 1 8  ? -1.474  -8.016  -1.697  1.000 35.492 0 8   A   A N9    1 
ATOM   167 C C8    . A   A 1 8  ? -2.325  -6.944  -1.664  1.000 31.251 0 8   A   A C8    1 
ATOM   168 N N7    . A   A 1 8  ? -1.732  -5.791  -1.846  1.000 30.953 0 8   A   A N7    1 
ATOM   169 C C5    . A   A 1 8  ? -0.405  -6.131  -2.024  1.000 33.375 0 8   A   A C5    1 
ATOM   170 C C6    . A   A 1 8  ? 0.737   -5.358  -2.274  1.000 33.868 0 8   A   A C6    1 
ATOM   171 N N6    . A   A 1 8  ? 0.705   -4.039  -2.411  1.000 34.517 0 8   A   A N6    1 
ATOM   172 N N1    . A   A 1 8  ? 1.916   -6.000  -2.389  1.000 37.053 0 8   A   A N1    1 
ATOM   173 C C2    . A   A 1 8  ? 1.928   -7.330  -2.273  1.000 35.621 0 8   A   A C2    1 
ATOM   174 N N3    . A   A 1 8  ? 0.925   -8.163  -2.050  1.000 37.320 0 8   A   A N3    1 
ATOM   175 C C4    . A   A 1 8  ? -0.228  -7.493  -1.918  1.000 32.003 0 8   A   A C4    1 
ATOM   176 P P     . U   A 1 9  ? -2.881  -9.944  3.106   1.000 48.001 0 9   U   A P     1 
ATOM   177 O OP1   . U   A 1 9  ? -3.470  -10.993 3.980   1.000 54.398 0 9   U   A OP1   1 
ATOM   178 O OP2   . U   A 1 9  ? -3.519  -8.601  3.109   1.000 43.357 0 9   U   A OP2   1 
ATOM   179 O "O5'" . U   A 1 9  ? -1.286  -9.869  3.205   1.000 43.961 0 9   U   A "O5'" 1 
ATOM   180 C "C5'" . U   A 1 9  ? -0.532  -11.110 3.197   1.000 43.475 0 9   U   A "C5'" 1 
ATOM   181 C "C4'" . U   A 1 9  ? 0.931   -10.803 3.010   1.000 41.862 0 9   U   A "C4'" 1 
ATOM   182 O "O4'" . U   A 1 9  ? 1.142   -10.212 1.706   1.000 44.117 0 9   U   A "O4'" 1 
ATOM   183 C "C3'" . U   A 1 9  ? 1.544   -9.776  3.975   1.000 38.721 0 9   U   A "C3'" 1 
ATOM   184 O "O3'" . U   A 1 9  ? 1.859   -10.363 5.231   1.000 47.932 0 9   U   A "O3'" 1 
ATOM   185 C "C2'" . U   A 1 9  ? 2.781   -9.392  3.178   1.000 40.361 0 9   U   A "C2'" 1 
ATOM   186 O "O2'" . U   A 1 9  ? 3.766   -10.400 3.180   1.000 40.007 0 9   U   A "O2'" 1 
ATOM   187 C "C1'" . U   A 1 9  ? 2.184   -9.265  1.773   1.000 37.959 0 9   U   A "C1'" 1 
ATOM   188 N N1    . U   A 1 9  ? 1.630   -7.924  1.510   1.000 36.077 0 9   U   A N1    1 
ATOM   189 C C2    . U   A 1 9  ? 2.551   -6.959  1.173   1.000 36.644 0 9   U   A C2    1 
ATOM   190 O O2    . U   A 1 9  ? 3.741   -7.208  1.090   1.000 40.102 0 9   U   A O2    1 
ATOM   191 N N3    . U   A 1 9  ? 2.020   -5.725  0.903   1.000 34.380 0 9   U   A N3    1 
ATOM   192 C C4    . U   A 1 9  ? 0.703   -5.341  0.993   1.000 34.632 0 9   U   A C4    1 
ATOM   193 O O4    . U   A 1 9  ? 0.408   -4.161  0.757   1.000 37.329 0 9   U   A O4    1 
ATOM   194 C C5    . U   A 1 9  ? -0.198  -6.393  1.371   1.000 37.165 0 9   U   A C5    1 
ATOM   195 C C6    . U   A 1 9  ? 0.290   -7.618  1.623   1.000 35.584 0 9   U   A C6    1 
ATOM   196 P P     . C   A 1 10 ? 1.657   -9.565  6.614   1.000 48.633 0 10  C   A P     1 
ATOM   197 O OP1   . C   A 1 10 ? 1.673   -10.564 7.719   1.000 54.209 0 10  C   A OP1   1 
ATOM   198 O OP2   . C   A 1 10 ? 0.641   -8.479  6.649   1.000 44.312 0 10  C   A OP2   1 
ATOM   199 O "O5'" . C   A 1 10 ? 2.970   -8.657  6.599   1.000 43.206 0 10  C   A "O5'" 1 
ATOM   200 C "C5'" . C   A 1 10 ? 4.253   -9.273  6.618   1.000 43.636 0 10  C   A "C5'" 1 
ATOM   201 C "C4'" . C   A 1 10 ? 5.237   -8.234  6.159   1.000 43.134 0 10  C   A "C4'" 1 
ATOM   202 O "O4'" . C   A 1 10 ? 4.834   -7.748  4.858   1.000 40.965 0 10  C   A "O4'" 1 
ATOM   203 C "C3'" . C   A 1 10 ? 5.288   -6.933  6.968   1.000 42.781 0 10  C   A "C3'" 1 
ATOM   204 O "O3'" . C   A 1 10 ? 5.980   -7.043  8.204   1.000 44.077 0 10  C   A "O3'" 1 
ATOM   205 C "C2'" . C   A 1 10 ? 6.056   -6.072  5.980   1.000 40.527 0 10  C   A "C2'" 1 
ATOM   206 O "O2'" . C   A 1 10 ? 7.418   -6.444  5.926   1.000 40.921 0 10  C   A "O2'" 1 
ATOM   207 C "C1'" . C   A 1 10 ? 5.327   -6.445  4.682   1.000 41.133 0 10  C   A "C1'" 1 
ATOM   208 N N1    . C   A 1 10 ? 4.186   -5.547  4.390   1.000 36.938 0 10  C   A N1    1 
ATOM   209 C C2    . C   A 1 10 ? 4.500   -4.291  3.867   1.000 28.611 0 10  C   A C2    1 
ATOM   210 O O2    . C   A 1 10 ? 5.682   -4.019  3.639   1.000 30.599 0 10  C   A O2    1 
ATOM   211 N N3    . C   A 1 10 ? 3.506   -3.426  3.581   1.000 33.029 0 10  C   A N3    1 
ATOM   212 C C4    . C   A 1 10 ? 2.233   -3.770  3.814   1.000 31.033 0 10  C   A C4    1 
ATOM   213 N N4    . C   A 1 10 ? 1.307   -2.880  3.516   1.000 33.943 0 10  C   A N4    1 
ATOM   214 C C5    . C   A 1 10 ? 1.887   -5.027  4.411   1.000 32.623 0 10  C   A C5    1 
ATOM   215 C C6    . C   A 1 10 ? 2.895   -5.886  4.658   1.000 32.836 0 10  C   A C6    1 
ATOM   216 P P     . U   A 1 11 ? 5.699   -5.992  9.384   1.000 42.203 0 11  U   A P     1 
ATOM   217 O OP1   . U   A 1 11 ? 6.435   -6.499  10.580  1.000 48.858 0 11  U   A OP1   1 
ATOM   218 O OP2   . U   A 1 11 ? 4.239   -5.714  9.501   1.000 41.232 0 11  U   A OP2   1 
ATOM   219 O "O5'" . U   A 1 11 ? 6.499   -4.731  8.856   1.000 40.507 0 11  U   A "O5'" 1 
ATOM   220 C "C5'" . U   A 1 11 ? 7.908   -4.819  8.606   1.000 35.884 0 11  U   A "C5'" 1 
ATOM   221 C "C4'" . U   A 1 11 ? 8.346   -3.435  8.196   1.000 39.821 0 11  U   A "C4'" 1 
ATOM   222 O "O4'" . U   A 1 11 ? 7.748   -3.084  6.915   1.000 39.378 0 11  U   A "O4'" 1 
ATOM   223 C "C3'" . U   A 1 11 ? 7.884   -2.295  9.116   1.000 37.811 0 11  U   A "C3'" 1 
ATOM   224 O "O3'" . U   A 1 11 ? 8.699   -2.026  10.253  1.000 37.297 0 11  U   A "O3'" 1 
ATOM   225 C "C2'" . U   A 1 11 ? 8.001   -1.098  8.176   1.000 30.476 0 11  U   A "C2'" 1 
ATOM   226 O "O2'" . U   A 1 11 ? 9.321   -0.722  7.892   1.000 34.466 0 11  U   A "O2'" 1 
ATOM   227 C "C1'" . U   A 1 11 ? 7.477   -1.699  6.875   1.000 36.554 0 11  U   A "C1'" 1 
ATOM   228 N N1    . U   A 1 11 ? 6.041   -1.500  6.651   1.000 31.583 0 11  U   A N1    1 
ATOM   229 C C2    . U   A 1 11 ? 5.704   -0.272  6.119   1.000 27.483 0 11  U   A C2    1 
ATOM   230 O O2    . U   A 1 11 ? 6.545   0.617   5.965   1.000 33.501 0 11  U   A O2    1 
ATOM   231 N N3    . U   A 1 11 ? 4.376   -0.123  5.844   1.000 31.196 0 11  U   A N3    1 
ATOM   232 C C4    . U   A 1 11 ? 3.374   -1.047  6.036   1.000 33.291 0 11  U   A C4    1 
ATOM   233 O O4    . U   A 1 11 ? 2.219   -0.762  5.739   1.000 37.635 0 11  U   A O4    1 
ATOM   234 C C5    . U   A 1 11 ? 3.791   -2.285  6.631   1.000 33.758 0 11  U   A C5    1 
ATOM   235 C C6    . U   A 1 11 ? 5.095   -2.465  6.897   1.000 29.951 0 11  U   A C6    1 
ATOM   236 P P     . U   A 1 12 ? 7.988   -1.487  11.573  1.000 36.998 0 12  U   A P     1 
ATOM   237 O OP1   . U   A 1 12 ? 8.979   -1.710  12.661  1.000 42.076 0 12  U   A OP1   1 
ATOM   238 O OP2   . U   A 1 12 ? 6.601   -1.938  11.851  1.000 32.910 0 12  U   A OP2   1 
ATOM   239 O "O5'" . U   A 1 12 ? 7.830   0.084   11.326  1.000 32.410 0 12  U   A "O5'" 1 
ATOM   240 C "C5'" . U   A 1 12 ? 9.002   0.872   11.125  1.000 29.038 0 12  U   A "C5'" 1 
ATOM   241 C "C4'" . U   A 1 12 ? 8.592   2.278   10.788  1.000 34.237 0 12  U   A "C4'" 1 
ATOM   242 O "O4'" . U   A 1 12 ? 8.012   2.332   9.454   1.000 32.138 0 12  U   A "O4'" 1 
ATOM   243 C "C3'" . U   A 1 12 ? 7.503   2.891   11.671  1.000 33.608 0 12  U   A "C3'" 1 
ATOM   244 O "O3'" . U   A 1 12 ? 8.048   3.430   12.862  1.000 31.840 0 12  U   A "O3'" 1 
ATOM   245 C "C2'" . U   A 1 12 ? 6.993   4.016   10.776  1.000 31.256 0 12  U   A "C2'" 1 
ATOM   246 O "O2'" . U   A 1 12 ? 7.931   5.067   10.709  1.000 33.878 0 12  U   A "O2'" 1 
ATOM   247 C "C1'" . U   A 1 12 ? 6.951   3.274   9.439   1.000 33.117 0 12  U   A "C1'" 1 
ATOM   248 N N1    . U   A 1 12 ? 5.660   2.593   9.178   1.000 32.461 0 12  U   A N1    1 
ATOM   249 C C2    . U   A 1 12 ? 4.665   3.365   8.609   1.000 31.512 0 12  U   A C2    1 
ATOM   250 O O2    . U   A 1 12 ? 4.804   4.557   8.410   1.000 34.344 0 12  U   A O2    1 
ATOM   251 N N3    . U   A 1 12 ? 3.482   2.714   8.381   1.000 29.497 0 12  U   A N3    1 
ATOM   252 C C4    . U   A 1 12 ? 3.204   1.377   8.591   1.000 30.464 0 12  U   A C4    1 
ATOM   253 O O4    . U   A 1 12 ? 2.088   0.926   8.319   1.000 32.488 0 12  U   A O4    1 
ATOM   254 C C5    . U   A 1 12 ? 4.274   0.640   9.196   1.000 30.299 0 12  U   A C5    1 
ATOM   255 C C6    . U   A 1 12 ? 5.439   1.259   9.453   1.000 33.369 0 12  U   A C6    1 
ATOM   256 P P     . C   A 1 13 ? 7.129   3.426   14.166  1.000 34.113 0 13  C   A P     1 
ATOM   257 O OP1   . C   A 1 13 ? 8.034   3.828   15.288  1.000 38.938 0 13  C   A OP1   1 
ATOM   258 O OP2   . C   A 1 13 ? 6.337   2.188   14.360  1.000 34.149 0 13  C   A OP2   1 
ATOM   259 O "O5'" . C   A 1 13 ? 6.017   4.549   13.978  1.000 30.186 0 13  C   A "O5'" 1 
ATOM   260 C "C5'" . C   A 1 13 ? 6.483   5.880   13.814  1.000 30.327 0 13  C   A "C5'" 1 
ATOM   261 C "C4'" . C   A 1 13 ? 5.329   6.730   13.369  1.000 32.641 0 13  C   A "C4'" 1 
ATOM   262 O "O4'" . C   A 1 13 ? 4.926   6.318   12.040  1.000 31.435 0 13  C   A "O4'" 1 
ATOM   263 C "C3'" . C   A 1 13 ? 4.046   6.611   14.197  1.000 29.301 0 13  C   A "C3'" 1 
ATOM   264 O "O3'" . C   A 1 13 ? 4.099   7.334   15.420  1.000 28.655 0 13  C   A "O3'" 1 
ATOM   265 C "C2'" . C   A 1 13 ? 3.073   7.238   13.212  1.000 28.381 0 13  C   A "C2'" 1 
ATOM   266 O "O2'" . C   A 1 13 ? 3.316   8.591   12.956  1.000 27.133 0 13  C   A "O2'" 1 
ATOM   267 C "C1'" . C   A 1 13 ? 3.542   6.602   11.911  1.000 28.944 0 13  C   A "C1'" 1 
ATOM   268 N N1    . C   A 1 13 ? 2.826   5.331   11.662  1.000 29.536 0 13  C   A N1    1 
ATOM   269 C C2    . C   A 1 13 ? 1.564   5.461   11.085  1.000 28.057 0 13  C   A C2    1 
ATOM   270 O O2    . C   A 1 13 ? 1.172   6.597   10.841  1.000 32.223 0 13  C   A O2    1 
ATOM   271 N N3    . C   A 1 13 ? 0.855   4.327   10.842  1.000 32.438 0 13  C   A N3    1 
ATOM   272 C C4    . C   A 1 13 ? 1.406   3.118   11.070  1.000 31.120 0 13  C   A C4    1 
ATOM   273 N N4    . C   A 1 13 ? 0.707   2.019   10.827  1.000 33.117 0 13  C   A N4    1 
ATOM   274 C C5    . C   A 1 13 ? 2.691   2.989   11.656  1.000 34.647 0 13  C   A C5    1 
ATOM   275 C C6    . C   A 1 13 ? 3.350   4.114   11.962  1.000 30.282 0 13  C   A C6    1 
ATOM   276 P P     . U   A 1 14 ? 3.181   6.936   16.671  1.000 29.975 0 14  U   A P     1 
ATOM   277 O OP1   . U   A 1 14 ? 3.543   7.884   17.769  1.000 29.744 0 14  U   A OP1   1 
ATOM   278 O OP2   . U   A 1 14 ? 3.230   5.464   16.876  1.000 30.570 0 14  U   A OP2   1 
ATOM   279 O "O5'" . U   A 1 14 ? 1.700   7.262   16.188  1.000 27.035 0 14  U   A "O5'" 1 
ATOM   280 C "C5'" . U   A 1 14 ? 1.393   8.676   16.057  1.000 27.410 0 14  U   A "C5'" 1 
ATOM   281 C "C4'" . U   A 1 14 ? -0.018  8.844   15.564  1.000 29.728 0 14  U   A "C4'" 1 
ATOM   282 O "O4'" . U   A 1 14 ? -0.125  8.240   14.268  1.000 28.444 0 14  U   A "O4'" 1 
ATOM   283 C "C3'" . U   A 1 14 ? -1.101  8.122   16.360  1.000 25.761 0 14  U   A "C3'" 1 
ATOM   284 O "O3'" . U   A 1 14 ? -1.388  8.899   17.460  1.000 25.745 0 14  U   A "O3'" 1 
ATOM   285 C "C2'" . U   A 1 14 ? -2.219  8.091   15.342  1.000 26.225 0 14  U   A "C2'" 1 
ATOM   286 O "O2'" . U   A 1 14 ? -2.672  9.392   15.042  1.000 26.982 0 14  U   A "O2'" 1 
ATOM   287 C "C1'" . U   A 1 14 ? -1.414  7.669   14.127  1.000 27.694 0 14  U   A "C1'" 1 
ATOM   288 N N1    . U   A 1 14 ? -1.299  6.219   13.993  1.000 27.637 0 14  U   A N1    1 
ATOM   289 C C2    . U   A 1 14 ? -2.356  5.586   13.382  1.000 28.114 0 14  U   A C2    1 
ATOM   290 O O2    . U   A 1 14 ? -3.418  6.146   13.142  1.000 30.319 0 14  U   A O2    1 
ATOM   291 N N3    . U   A 1 14 ? -2.206  4.257   13.223  1.000 26.959 0 14  U   A N3    1 
ATOM   292 C C4    . U   A 1 14 ? -1.119  3.485   13.528  1.000 30.101 0 14  U   A C4    1 
ATOM   293 O O4    . U   A 1 14 ? -1.168  2.288   13.289  1.000 27.390 0 14  U   A O4    1 
ATOM   294 C C5    . U   A 1 14 ? -0.018  4.210   14.087  1.000 31.688 0 14  U   A C5    1 
ATOM   295 C C6    . U   A 1 14 ? -0.131  5.536   14.264  1.000 29.669 0 14  U   A C6    1 
HETATM 296 P P     . RSP A 1 15 ? -1.983  8.281   18.804  1.000 26.779 0 15  RSP A P     1 
HETATM 297 N N1    . RSP A 1 15 ? -5.466  5.505   16.322  1.000 30.025 0 15  RSP A N1    1 
HETATM 298 C C2    . RSP A 1 15 ? -6.006  4.314   15.713  1.000 31.545 0 15  RSP A C2    1 
HETATM 299 S S2    . RSP A 1 15 ? -7.537  4.249   15.253  1.000 32.202 0 15  RSP A S2    1 
HETATM 300 N N3    . RSP A 1 15 ? -5.225  3.139   15.603  1.000 28.436 0 15  RSP A N3    1 
HETATM 301 C C4    . RSP A 1 15 ? -3.901  3.141   16.031  1.000 26.478 0 15  RSP A C4    1 
HETATM 302 N N4    . RSP A 1 15 ? -3.134  2.014   15.836  1.000 28.915 0 15  RSP A N4    1 
HETATM 303 C C5    . RSP A 1 15 ? -3.370  4.348   16.607  1.000 25.053 0 15  RSP A C5    1 
HETATM 304 C C6    . RSP A 1 15 ? -4.124  5.544   16.783  1.000 26.311 0 15  RSP A C6    1 
HETATM 305 C "C1'" . RSP A 1 15 ? -6.312  6.670   16.344  1.000 29.897 0 15  RSP A "C1'" 1 
HETATM 306 C "C2'" . RSP A 1 15 ? -7.254  6.785   17.491  1.000 30.301 0 15  RSP A "C2'" 1 
HETATM 307 O "O2'" . RSP A 1 15 ? -8.337  7.550   17.033  1.000 31.039 0 15  RSP A "O2'" 1 
HETATM 308 C "C3'" . RSP A 1 15 ? -6.364  7.501   18.425  1.000 29.518 0 15  RSP A "C3'" 1 
HETATM 309 O "O3'" . RSP A 1 15 ? -7.184  8.079   19.406  1.000 32.138 0 15  RSP A "O3'" 1 
HETATM 310 C "C4'" . RSP A 1 15 ? -5.698  8.491   17.716  1.000 31.086 0 15  RSP A "C4'" 1 
HETATM 311 O "O4'" . RSP A 1 15 ? -5.324  7.727   16.397  1.000 29.315 0 15  RSP A "O4'" 1 
HETATM 312 C "C5'" . RSP A 1 15 ? -4.432  9.081   18.282  1.000 32.039 0 15  RSP A "C5'" 1 
HETATM 313 O "O5'" . RSP A 1 15 ? -3.521  8.025   18.402  1.000 28.562 0 15  RSP A "O5'" 1 
HETATM 314 O OP1   . RSP A 1 15 ? -1.865  9.333   19.831  1.000 30.244 0 15  RSP A OP1   1 
HETATM 315 O OP2   . RSP A 1 15 ? -1.386  6.924   19.003  1.000 28.112 0 15  RSP A OP2   1 
ATOM   316 P P     . U   A 1 16 ? -7.450  7.341   20.799  1.000 36.696 0 16  U   A P     1 
ATOM   317 O OP1   . U   A 1 16 ? -8.187  8.364   21.591  1.000 35.551 0 16  U   A OP1   1 
ATOM   318 O OP2   . U   A 1 16 ? -6.254  6.683   21.403  1.000 40.148 0 16  U   A OP2   1 
ATOM   319 O "O5'" . U   A 1 16 ? -8.335  6.090   20.345  1.000 32.351 0 16  U   A "O5'" 1 
ATOM   320 C "C5'" . U   A 1 16 ? -9.696  6.425   19.964  1.000 33.548 0 16  U   A "C5'" 1 
ATOM   321 C "C4'" . U   A 1 16 ? -10.335 5.175   19.430  1.000 35.934 0 16  U   A "C4'" 1 
ATOM   322 O "O4'" . U   A 1 16 ? -9.546  4.724   18.305  1.000 31.650 0 16  U   A "O4'" 1 
ATOM   323 C "C3'" . U   A 1 16 ? -10.370 3.973   20.384  1.000 34.680 0 16  U   A "C3'" 1 
ATOM   324 O "O3'" . U   A 1 16 ? -11.517 3.947   21.229  1.000 37.393 0 16  U   A "O3'" 1 
ATOM   325 C "C2'" . U   A 1 16 ? -10.457 2.832   19.387  1.000 34.012 0 16  U   A "C2'" 1 
ATOM   326 O "O2'" . U   A 1 16 ? -11.765 2.688   18.897  1.000 36.376 0 16  U   A "O2'" 1 
ATOM   327 C "C1'" . U   A 1 16 ? -9.557  3.311   18.251  1.000 33.147 0 16  U   A "C1'" 1 
ATOM   328 N N1    . U   A 1 16 ? -8.170  2.782   18.370  1.000 30.837 0 16  U   A N1    1 
ATOM   329 C C2    . U   A 1 16 ? -7.957  1.519   17.828  1.000 28.945 0 16  U   A C2    1 
ATOM   330 O O2    . U   A 1 16 ? -8.844  0.860   17.309  1.000 32.194 0 16  U   A O2    1 
ATOM   331 N N3    . U   A 1 16 ? -6.684  1.027   17.930  1.000 28.672 0 16  U   A N3    1 
ATOM   332 C C4    . U   A 1 16 ? -5.620  1.668   18.525  1.000 28.447 0 16  U   A C4    1 
ATOM   333 O O4    . U   A 1 16 ? -4.534  1.084   18.553  1.000 29.332 0 16  U   A O4    1 
ATOM   334 C C5    . U   A 1 16 ? -5.914  2.959   19.093  1.000 28.556 0 16  U   A C5    1 
ATOM   335 C C6    . U   A 1 16 ? -7.164  3.466   19.004  1.000 29.164 0 16  U   A C6    1 
HETATM 336 O O     . HOH B 2 .  ? 2.840   8.775   19.799  1.000 35.667 0 101 HOH A O     1 
HETATM 337 O O     . HOH B 2 .  ? 1.009   -1.094  8.876   1.000 42.803 0 102 HOH A O     1 
HETATM 338 O O     . HOH B 2 .  ? 0.064   -1.624  6.233   1.000 52.884 0 103 HOH A O     1 
HETATM 339 O O     . HOH B 2 .  ? -3.486  -6.600  1.819   1.000 44.973 0 104 HOH A O     1 
HETATM 340 O O     . HOH B 2 .  ? 5.751   -1.267  -12.561 1.000 56.393 0 105 HOH A O     1 
HETATM 341 O O     . HOH B 2 .  ? 9.721   -1.802  14.952  1.000 44.748 0 106 HOH A O     1 
HETATM 342 O O     . HOH B 2 .  ? -11.649 2.530   -7.141  1.000 48.750 0 107 HOH A O     1 
HETATM 343 O O     . HOH B 2 .  ? -0.945  5.189   -17.622 1.000 45.305 0 108 HOH A O     1 
HETATM 344 O O     . HOH B 2 .  ? -0.222  -1.365  -5.013  1.000 45.697 0 109 HOH A O     1 
HETATM 345 O O     . HOH B 2 .  ? 8.561   3.230   -19.545 1.000 40.705 0 110 HOH A O     1 
HETATM 346 O O     . HOH B 2 .  ? -4.116  2.403   -8.119  1.000 47.535 0 111 HOH A O     1 
HETATM 347 O O     . HOH B 2 .  ? 0.039   0.079   13.712  1.000 48.539 0 112 HOH A O     1 
HETATM 348 O O     . HOH B 2 .  ? -10.054 9.868   22.476  1.000 51.135 0 113 HOH A O     1 
HETATM 349 O O     . HOH B 2 .  ? -2.322  2.067   19.401  1.000 35.022 0 114 HOH A O     1 
HETATM 350 O O     . HOH B 2 .  ? 5.853   -1.771  -15.627 1.000 53.802 0 115 HOH A O     1 
HETATM 351 O O     . HOH B 2 .  ? -3.228  -1.431  -4.748  1.000 53.358 0 116 HOH A O     1 
HETATM 352 O O     . HOH B 2 .  ? -0.627  11.520  19.074  1.000 48.996 0 117 HOH A O     1 
HETATM 353 O O     . HOH B 2 .  ? -10.339 6.530   15.659  1.000 32.232 0 118 HOH A O     1 
HETATM 354 O O     . HOH B 2 .  ? -0.075  4.889   17.959  1.000 50.916 0 119 HOH A O     1 
HETATM 355 O O     . HOH B 2 .  ? 9.589   0.555   -9.475  1.000 54.587 0 120 HOH A O     1 
HETATM 356 O O     . HOH B 2 .  ? 3.823   -2.944  -17.470 1.000 35.660 0 121 HOH A O     1 
HETATM 357 O O     . HOH B 2 .  ? -1.263  0.756   -10.267 1.000 49.598 0 122 HOH A O     1 
HETATM 358 O O     . HOH B 2 .  ? 3.343   3.242   15.363  1.000 41.048 0 123 HOH A O     1 
HETATM 359 O O     . HOH B 2 .  ? 7.803   2.806   5.019   1.000 41.837 0 124 HOH A O     1 
HETATM 360 O O     . HOH B 2 .  ? 2.288   -10.487 -2.299  1.000 57.358 0 125 HOH A O     1 
HETATM 361 O O     . HOH B 2 .  ? 6.685   -5.196  -19.438 1.000 46.988 0 126 HOH A O     1 
HETATM 362 O O     . HOH B 2 .  ? 5.483   4.543   18.175  1.000 36.367 0 127 HOH A O     1 
HETATM 363 O O     . HOH B 2 .  ? 3.491   10.623  18.104  0.330 31.018 0 128 HOH A O     1 
HETATM 364 O O     . HOH B 2 .  ? 5.013   0.286   12.857  1.000 44.265 0 129 HOH A O     1 
HETATM 365 O O     . HOH B 2 .  ? -10.008 9.699   19.963  1.000 52.560 0 130 HOH A O     1 
HETATM 366 O O     . HOH B 2 .  ? -3.872  5.460   20.627  1.000 53.221 0 131 HOH A O     1 
HETATM 367 O O     . HOH B 2 .  ? -1.736  -2.726  -2.003  1.000 50.633 0 132 HOH A O     1 
HETATM 368 O O     . HOH B 2 .  ? -8.462  -10.061 -2.521  1.000 44.270 0 133 HOH A O     1 
HETATM 369 O O     . HOH B 2 .  ? -7.813  6.763   -12.818 1.000 47.137 0 134 HOH A O     1 
HETATM 370 O O     . HOH B 2 .  ? 1.902   -0.417  11.641  1.000 51.178 0 135 HOH A O     1 
HETATM 371 O O     . HOH B 2 .  ? 4.935   1.078   -13.141 1.000 46.424 0 136 HOH A O     1 
HETATM 372 O O     . HOH B 2 .  ? -2.739  0.190   -7.803  1.000 45.368 0 137 HOH A O     1 
HETATM 373 O O     . HOH B 2 .  ? 4.096   10.499  14.968  0.330 34.246 0 138 HOH A O     1 
HETATM 374 O O     . HOH B 2 .  ? 10.738  0.027   14.145  1.000 54.836 0 139 HOH A O     1 
HETATM 375 O O     . HOH B 2 .  ? 3.484   -12.779 4.786   1.000 52.034 0 140 HOH A O     1 
HETATM 376 O O     . HOH B 2 .  ? -0.560  2.192   17.207  1.000 33.545 0 141 HOH A O     1 
HETATM 377 O O     . HOH B 2 .  ? 11.159  -5.835  -16.384 1.000 60.281 0 142 HOH A O     1 
HETATM 378 O O     . HOH B 2 .  ? -6.288  7.118   12.817  1.000 47.464 0 143 HOH A O     1 
HETATM 379 O O     . HOH B 2 .  ? 3.545   -1.154  -13.768 1.000 49.937 0 144 HOH A O     1 
HETATM 380 O O     . HOH B 2 .  ? -1.493  -4.043  4.138   1.000 46.676 0 145 HOH A O     1 
HETATM 381 O O     . HOH B 2 .  ? -12.410 -5.778  -2.761  0.330 45.396 0 146 HOH A O     1 
HETATM 382 O O     . HOH B 2 .  ? -9.251  1.419   -3.502  1.000 52.141 0 147 HOH A O     1 
HETATM 383 O O     . HOH B 2 .  ? 1.351   0.871   -11.755 1.000 59.415 0 148 HOH A O     1 
HETATM 384 O O     . HOH B 2 .  ? 10.111  -4.733  11.923  1.000 50.891 0 149 HOH A O     1 
HETATM 385 O O     . HOH B 2 .  ? 1.669   -1.927  -12.278 1.000 49.842 0 150 HOH A O     1 
HETATM 386 O O     . HOH B 2 .  ? 2.814   -3.697  -14.500 1.000 49.854 0 151 HOH A O     1 
HETATM 387 O O     . HOH B 2 .  ? -8.416  -8.921  3.997   1.000 56.203 0 152 HOH A O     1 
HETATM 388 O O     . HOH B 2 .  ? 3.773   -5.444  -18.993 1.000 59.855 0 153 HOH A O     1 
HETATM 389 O O     . HOH B 2 .  ? -0.797  -0.216  -1.958  0.500 66.243 0 154 HOH A O     1 
HETATM 390 O O     . HOH B 2 .  ? 3.757   -0.798  -11.810 1.000 34.107 0 155 HOH A O     1 
HETATM 391 O O     . HOH B 2 .  ? -1.642  1.094   -5.782  1.000 55.163 0 156 HOH A O     1 
# 
